data_3CQX
#
_entry.id   3CQX
#
_cell.length_a   52.846
_cell.length_b   105.808
_cell.length_c   210.683
_cell.angle_alpha   90.000
_cell.angle_beta   90.000
_cell.angle_gamma   90.000
#
_symmetry.space_group_name_H-M   'P 21 21 21'
#
loop_
_entity.id
_entity.type
_entity.pdbx_description
1 polymer 'Heat shock cognate 71 kDa protein'
2 polymer 'BAG family molecular chaperone regulator 2'
3 non-polymer 'THIOCYANATE ION'
4 non-polymer 'SODIUM ION'
5 water water
#
loop_
_entity_poly.entity_id
_entity_poly.type
_entity_poly.pdbx_seq_one_letter_code
_entity_poly.pdbx_strand_id
1 'polypeptide(L)'
;GAMGSMSKGPAVGIDLGTTYSCVGVFQHGKVEIIANDQGNRTTPSYVAFTDTERLIGDAAKNQVAMNPTNTVFDAKRLIG
RRFDDAVVQSDMKHWPFMVVNDAGRPKVQVEYKGETKSFYPEEVSSMVLTKMKEIAEAYLGKTVTNAVVTVPAYFNDSQR
QATKDAGTIAGLNVLRIINEPTAAAIAYGLDKKVGAERNVLIFDLGGGTFDVSILTIEDGIFEVKSTAGDTHLGGEDFDN
RMVNHFIAEFKRKHKKDISENKRAVRRLRTACERAKRTLSSSTQASIEIDSLYEGIDFYTSITRARFEELNADLFRGTLD
PVEKALRDAKLDKSQIHDIVLVGGSTRIPKIQKLLQDFFNGKELNKSINPDEAVAYGAAVQAAILS
;
A,B
2 'polypeptide(L)'
;GAMGSEESLKHATRIIDEVVSKFLDDLGNAKSHLMSLYSACSSEVPPGPVDQKFQSIVIGCALEDQKKIKRRLETLLRNI
DNSDKAIK
;
C,D
#
loop_
_chem_comp.id
_chem_comp.type
_chem_comp.name
_chem_comp.formula
NA non-polymer 'SODIUM ION' 'Na 1'
SCN non-polymer 'THIOCYANATE ION' 'C N S -1'
#
# COMPACT_ATOMS: atom_id res chain seq x y z
N ALA A 11 19.90 17.11 -12.12
CA ALA A 11 21.37 16.95 -11.92
C ALA A 11 21.75 17.08 -10.44
N VAL A 12 22.20 15.98 -9.86
CA VAL A 12 22.60 15.99 -8.46
C VAL A 12 24.07 15.65 -8.25
N GLY A 13 24.58 16.01 -7.09
CA GLY A 13 25.97 15.73 -6.73
C GLY A 13 25.98 14.69 -5.63
N ILE A 14 26.74 13.62 -5.81
CA ILE A 14 26.80 12.57 -4.81
C ILE A 14 28.19 12.34 -4.25
N ASP A 15 28.28 12.32 -2.92
CA ASP A 15 29.53 12.05 -2.24
C ASP A 15 29.42 10.60 -1.80
N LEU A 16 30.11 9.73 -2.53
CA LEU A 16 30.09 8.31 -2.25
C LEU A 16 31.20 8.01 -1.25
N GLY A 17 30.87 8.12 0.04
CA GLY A 17 31.85 7.88 1.09
C GLY A 17 31.99 6.42 1.47
N THR A 18 33.09 6.11 2.16
CA THR A 18 33.36 4.74 2.57
C THR A 18 32.41 4.28 3.68
N THR A 19 32.09 5.17 4.61
CA THR A 19 31.18 4.80 5.70
C THR A 19 29.78 5.37 5.47
N TYR A 20 29.70 6.59 4.95
CA TYR A 20 28.39 7.20 4.68
C TYR A 20 28.43 7.96 3.37
N SER A 21 27.26 8.15 2.79
CA SER A 21 27.12 8.88 1.53
C SER A 21 26.14 10.04 1.68
N CYS A 22 26.32 11.05 0.84
CA CYS A 22 25.49 12.26 0.90
C CYS A 22 25.13 12.72 -0.53
N VAL A 23 23.92 13.24 -0.69
CA VAL A 23 23.49 13.72 -2.01
C VAL A 23 22.88 15.12 -1.93
N GLY A 24 23.37 16.01 -2.79
CA GLY A 24 22.86 17.37 -2.82
C GLY A 24 22.40 17.78 -4.21
N VAL A 25 21.70 18.90 -4.29
CA VAL A 25 21.20 19.41 -5.55
C VAL A 25 21.26 20.94 -5.55
N PHE A 26 21.71 21.53 -6.65
CA PHE A 26 21.81 22.98 -6.76
C PHE A 26 20.47 23.52 -7.24
N GLN A 27 19.98 24.58 -6.59
CA GLN A 27 18.70 25.20 -6.94
C GLN A 27 18.53 26.53 -6.20
N HIS A 28 17.83 27.47 -6.85
CA HIS A 28 17.60 28.78 -6.28
C HIS A 28 18.92 29.51 -5.96
N GLY A 29 19.95 29.19 -6.74
CA GLY A 29 21.24 29.82 -6.54
C GLY A 29 22.00 29.30 -5.34
N LYS A 30 21.46 28.28 -4.67
CA LYS A 30 22.09 27.69 -3.49
C LYS A 30 22.09 26.17 -3.59
N VAL A 31 22.83 25.52 -2.71
CA VAL A 31 22.86 24.07 -2.69
C VAL A 31 21.96 23.55 -1.58
N GLU A 32 21.30 22.44 -1.83
CA GLU A 32 20.43 21.84 -0.84
C GLU A 32 20.87 20.39 -0.65
N ILE A 33 21.20 20.04 0.60
CA ILE A 33 21.61 18.67 0.91
C ILE A 33 20.34 17.96 1.27
N ILE A 34 19.99 16.94 0.49
CA ILE A 34 18.76 16.17 0.67
C ILE A 34 18.74 15.15 1.79
N ALA A 35 17.72 15.20 2.64
CA ALA A 35 17.58 14.25 3.75
C ALA A 35 16.85 13.00 3.27
N ASN A 36 17.09 11.86 3.90
CA ASN A 36 16.42 10.63 3.50
C ASN A 36 15.11 10.43 4.26
N ASP A 37 14.52 9.24 4.14
CA ASP A 37 13.27 8.92 4.83
C ASP A 37 13.28 9.31 6.30
N GLN A 38 14.34 8.92 6.99
CA GLN A 38 14.49 9.19 8.41
C GLN A 38 14.99 10.60 8.72
N GLY A 39 15.05 11.45 7.71
CA GLY A 39 15.49 12.82 7.92
C GLY A 39 17.00 12.99 8.05
N ASN A 40 17.75 11.91 7.90
CA ASN A 40 19.20 11.99 8.00
C ASN A 40 19.78 12.50 6.69
N ARG A 41 20.62 13.52 6.78
CA ARG A 41 21.26 14.12 5.60
C ARG A 41 22.42 13.29 5.03
N THR A 42 22.73 12.18 5.70
CA THR A 42 23.78 11.28 5.26
C THR A 42 23.20 9.89 5.43
N THR A 43 23.64 8.95 4.60
CA THR A 43 23.15 7.58 4.64
C THR A 43 24.31 6.60 4.71
N PRO A 44 24.27 5.65 5.66
CA PRO A 44 25.35 4.67 5.78
C PRO A 44 25.58 3.92 4.48
N SER A 45 26.85 3.72 4.12
CA SER A 45 27.20 2.99 2.91
C SER A 45 27.19 1.49 3.24
N TYR A 46 26.04 1.03 3.70
CA TYR A 46 25.82 -0.36 4.09
C TYR A 46 24.78 -1.07 3.22
N VAL A 47 24.93 -2.39 3.12
CA VAL A 47 24.01 -3.22 2.37
C VAL A 47 23.90 -4.54 3.12
N ALA A 48 22.67 -4.95 3.43
CA ALA A 48 22.46 -6.19 4.15
C ALA A 48 21.62 -7.20 3.38
N PHE A 49 22.00 -8.47 3.48
CA PHE A 49 21.26 -9.53 2.81
C PHE A 49 20.70 -10.45 3.88
N THR A 50 19.39 -10.62 3.88
CA THR A 50 18.72 -11.46 4.86
C THR A 50 18.04 -12.64 4.19
N ASP A 51 17.33 -13.43 4.99
CA ASP A 51 16.62 -14.59 4.50
C ASP A 51 15.47 -14.18 3.58
N THR A 52 15.00 -12.95 3.73
CA THR A 52 13.89 -12.48 2.91
C THR A 52 14.21 -11.30 1.99
N GLU A 53 14.89 -10.28 2.50
CA GLU A 53 15.16 -9.10 1.70
C GLU A 53 16.60 -8.56 1.67
N ARG A 54 16.75 -7.47 0.93
CA ARG A 54 18.03 -6.78 0.80
C ARG A 54 17.79 -5.40 1.42
N LEU A 55 18.71 -4.95 2.27
CA LEU A 55 18.57 -3.66 2.94
C LEU A 55 19.72 -2.70 2.62
N ILE A 56 19.40 -1.42 2.55
CA ILE A 56 20.40 -0.41 2.25
C ILE A 56 20.27 0.79 3.18
N GLY A 57 21.38 1.29 3.69
CA GLY A 57 21.35 2.44 4.56
C GLY A 57 21.12 2.14 6.04
N ASP A 58 20.35 3.00 6.69
CA ASP A 58 20.04 2.85 8.11
C ASP A 58 19.51 1.48 8.49
N ALA A 59 18.56 0.97 7.71
CA ALA A 59 17.96 -0.33 7.99
C ALA A 59 19.02 -1.42 7.98
N ALA A 60 20.02 -1.26 7.11
CA ALA A 60 21.09 -2.23 7.02
C ALA A 60 21.96 -2.15 8.27
N LYS A 61 22.25 -0.93 8.70
CA LYS A 61 23.09 -0.73 9.86
C LYS A 61 22.40 -1.15 11.16
N ASN A 62 21.08 -0.99 11.21
CA ASN A 62 20.33 -1.34 12.42
C ASN A 62 20.27 -2.84 12.71
N GLN A 63 20.54 -3.68 11.73
CA GLN A 63 20.47 -5.11 11.96
C GLN A 63 21.85 -5.77 11.92
N VAL A 64 22.91 -4.95 11.99
CA VAL A 64 24.27 -5.45 11.97
C VAL A 64 24.55 -6.51 13.04
N ALA A 65 24.07 -6.26 14.25
CA ALA A 65 24.30 -7.18 15.37
C ALA A 65 23.70 -8.57 15.20
N MET A 66 22.49 -8.66 14.65
CA MET A 66 21.86 -9.97 14.46
C MET A 66 22.37 -10.66 13.20
N ASN A 67 22.80 -9.88 12.21
CA ASN A 67 23.27 -10.44 10.95
C ASN A 67 24.59 -9.84 10.52
N PRO A 68 25.65 -10.04 11.32
CA PRO A 68 26.98 -9.50 11.01
C PRO A 68 27.68 -9.98 9.74
N THR A 69 27.62 -11.28 9.48
CA THR A 69 28.31 -11.84 8.31
C THR A 69 27.68 -11.52 6.97
N ASN A 70 26.43 -11.05 6.98
CA ASN A 70 25.75 -10.73 5.73
C ASN A 70 25.48 -9.25 5.54
N THR A 71 26.15 -8.42 6.34
CA THR A 71 26.00 -6.97 6.26
C THR A 71 27.33 -6.42 5.74
N VAL A 72 27.30 -5.86 4.53
CA VAL A 72 28.51 -5.35 3.89
C VAL A 72 28.72 -3.84 3.99
N PHE A 73 29.99 -3.45 4.11
CA PHE A 73 30.38 -2.05 4.19
C PHE A 73 31.81 -1.95 3.68
N ASP A 74 32.35 -0.74 3.58
CA ASP A 74 33.72 -0.53 3.10
C ASP A 74 33.95 -1.01 1.66
N ALA A 75 32.87 -1.21 0.90
CA ALA A 75 33.02 -1.66 -0.47
C ALA A 75 33.97 -0.75 -1.23
N LYS A 76 33.98 0.51 -0.84
CA LYS A 76 34.84 1.50 -1.47
C LYS A 76 36.31 1.14 -1.34
N ARG A 77 36.65 0.34 -0.34
CA ARG A 77 38.03 -0.06 -0.14
C ARG A 77 38.44 -1.15 -1.13
N LEU A 78 37.46 -1.76 -1.79
CA LEU A 78 37.73 -2.83 -2.76
C LEU A 78 37.51 -2.41 -4.20
N ILE A 79 36.61 -1.46 -4.41
CA ILE A 79 36.25 -1.01 -5.75
C ILE A 79 37.44 -0.69 -6.66
N GLY A 80 37.56 -1.45 -7.74
CA GLY A 80 38.63 -1.23 -8.70
C GLY A 80 39.95 -1.89 -8.38
N ARG A 81 40.00 -2.68 -7.30
CA ARG A 81 41.23 -3.35 -6.93
C ARG A 81 41.22 -4.82 -7.34
N ARG A 82 42.42 -5.41 -7.37
CA ARG A 82 42.58 -6.82 -7.70
C ARG A 82 42.56 -7.59 -6.40
N PHE A 83 42.13 -8.85 -6.45
CA PHE A 83 42.06 -9.67 -5.26
C PHE A 83 43.43 -9.78 -4.60
N ASP A 84 44.46 -9.93 -5.43
CA ASP A 84 45.83 -10.08 -4.94
C ASP A 84 46.47 -8.75 -4.53
N ASP A 85 45.64 -7.71 -4.44
CA ASP A 85 46.11 -6.39 -4.03
C ASP A 85 46.50 -6.47 -2.55
N ALA A 86 47.66 -5.92 -2.20
CA ALA A 86 48.13 -5.95 -0.82
C ALA A 86 47.14 -5.30 0.15
N VAL A 87 46.39 -4.32 -0.35
CA VAL A 87 45.41 -3.61 0.49
C VAL A 87 44.16 -4.47 0.76
N VAL A 88 43.72 -5.18 -0.26
CA VAL A 88 42.54 -6.04 -0.13
C VAL A 88 42.85 -7.15 0.86
N GLN A 89 43.92 -7.89 0.58
CA GLN A 89 44.32 -8.99 1.44
C GLN A 89 44.40 -8.56 2.90
N SER A 90 44.93 -7.37 3.14
CA SER A 90 45.06 -6.87 4.50
C SER A 90 43.71 -6.50 5.13
N ASP A 91 42.85 -5.81 4.37
CA ASP A 91 41.54 -5.40 4.87
C ASP A 91 40.56 -6.54 5.18
N MET A 92 40.52 -7.56 4.31
CA MET A 92 39.58 -8.65 4.52
C MET A 92 39.80 -9.45 5.82
N LYS A 93 40.90 -9.20 6.49
CA LYS A 93 41.21 -9.89 7.74
C LYS A 93 40.50 -9.18 8.90
N HIS A 94 39.95 -8.00 8.64
CA HIS A 94 39.24 -7.24 9.67
C HIS A 94 37.74 -7.13 9.43
N TRP A 95 37.28 -7.57 8.25
CA TRP A 95 35.85 -7.52 7.96
C TRP A 95 35.14 -8.78 8.41
N PRO A 96 33.90 -8.63 8.90
CA PRO A 96 33.11 -9.77 9.37
C PRO A 96 32.47 -10.56 8.21
N PHE A 97 32.48 -9.98 7.01
CA PHE A 97 31.92 -10.66 5.85
C PHE A 97 33.02 -11.29 5.01
N MET A 98 32.63 -12.23 4.15
CA MET A 98 33.61 -12.91 3.32
C MET A 98 33.93 -12.22 2.02
N VAL A 99 35.20 -12.33 1.63
CA VAL A 99 35.70 -11.77 0.38
C VAL A 99 36.32 -12.95 -0.34
N VAL A 100 35.85 -13.23 -1.55
CA VAL A 100 36.38 -14.35 -2.33
C VAL A 100 37.07 -13.89 -3.60
N ASN A 101 37.84 -14.80 -4.19
CA ASN A 101 38.58 -14.53 -5.40
C ASN A 101 37.78 -15.02 -6.61
N ASP A 102 37.59 -14.16 -7.60
CA ASP A 102 36.86 -14.53 -8.80
C ASP A 102 37.60 -14.07 -10.04
N ALA A 103 38.52 -14.90 -10.51
CA ALA A 103 39.33 -14.58 -11.69
C ALA A 103 40.15 -13.33 -11.42
N GLY A 104 40.78 -13.28 -10.26
CA GLY A 104 41.60 -12.14 -9.89
C GLY A 104 40.79 -10.94 -9.42
N ARG A 105 39.47 -11.04 -9.46
CA ARG A 105 38.60 -9.96 -9.01
C ARG A 105 37.98 -10.25 -7.66
N PRO A 106 37.99 -9.26 -6.75
CA PRO A 106 37.41 -9.49 -5.43
C PRO A 106 35.89 -9.38 -5.45
N LYS A 107 35.24 -10.22 -4.65
CA LYS A 107 33.79 -10.21 -4.55
C LYS A 107 33.41 -10.54 -3.12
N VAL A 108 32.32 -9.94 -2.66
CA VAL A 108 31.85 -10.23 -1.31
C VAL A 108 30.88 -11.39 -1.43
N GLN A 109 30.99 -12.35 -0.51
CA GLN A 109 30.10 -13.51 -0.52
C GLN A 109 29.21 -13.44 0.72
N VAL A 110 27.90 -13.57 0.50
CA VAL A 110 26.93 -13.51 1.59
C VAL A 110 25.79 -14.53 1.40
N GLU A 111 24.93 -14.63 2.42
CA GLU A 111 23.77 -15.52 2.38
C GLU A 111 22.56 -14.63 2.09
N TYR A 112 21.91 -14.85 0.96
CA TYR A 112 20.75 -14.06 0.57
C TYR A 112 19.59 -14.95 0.15
N LYS A 113 18.58 -15.05 1.01
CA LYS A 113 17.41 -15.88 0.76
C LYS A 113 17.81 -17.36 0.72
N GLY A 114 18.64 -17.77 1.67
CA GLY A 114 19.08 -19.16 1.72
C GLY A 114 20.02 -19.52 0.57
N GLU A 115 20.39 -18.52 -0.23
CA GLU A 115 21.27 -18.75 -1.37
C GLU A 115 22.64 -18.10 -1.14
N THR A 116 23.71 -18.88 -1.28
CA THR A 116 25.04 -18.31 -1.12
C THR A 116 25.37 -17.55 -2.40
N LYS A 117 25.43 -16.23 -2.31
CA LYS A 117 25.72 -15.40 -3.46
C LYS A 117 26.93 -14.50 -3.24
N SER A 118 27.48 -13.97 -4.34
CA SER A 118 28.63 -13.08 -4.28
C SER A 118 28.37 -11.86 -5.17
N PHE A 119 28.97 -10.73 -4.82
CA PHE A 119 28.77 -9.51 -5.59
C PHE A 119 30.06 -8.74 -5.79
N TYR A 120 30.17 -8.06 -6.93
CA TYR A 120 31.35 -7.25 -7.22
C TYR A 120 31.25 -5.95 -6.43
N PRO A 121 32.41 -5.43 -5.99
CA PRO A 121 32.45 -4.18 -5.22
C PRO A 121 31.58 -3.10 -5.84
N GLU A 122 31.65 -2.94 -7.16
CA GLU A 122 30.85 -1.92 -7.83
C GLU A 122 29.36 -2.24 -7.83
N GLU A 123 28.99 -3.48 -7.57
CA GLU A 123 27.57 -3.82 -7.54
C GLU A 123 27.03 -3.36 -6.19
N VAL A 124 27.83 -3.55 -5.14
CA VAL A 124 27.43 -3.11 -3.81
C VAL A 124 27.29 -1.58 -3.81
N SER A 125 28.25 -0.89 -4.41
CA SER A 125 28.20 0.57 -4.48
C SER A 125 27.02 1.03 -5.32
N SER A 126 26.70 0.32 -6.40
CA SER A 126 25.57 0.72 -7.24
C SER A 126 24.30 0.70 -6.39
N MET A 127 24.25 -0.19 -5.40
CA MET A 127 23.11 -0.30 -4.51
C MET A 127 23.04 0.94 -3.61
N VAL A 128 24.20 1.39 -3.15
CA VAL A 128 24.21 2.58 -2.31
C VAL A 128 23.79 3.78 -3.17
N LEU A 129 24.30 3.84 -4.40
CA LEU A 129 23.95 4.93 -5.32
C LEU A 129 22.47 4.92 -5.64
N THR A 130 21.89 3.73 -5.78
CA THR A 130 20.48 3.59 -6.06
C THR A 130 19.67 4.24 -4.95
N LYS A 131 20.03 3.95 -3.70
CA LYS A 131 19.32 4.53 -2.56
C LYS A 131 19.46 6.04 -2.58
N MET A 132 20.64 6.53 -2.95
CA MET A 132 20.86 7.97 -2.99
C MET A 132 20.03 8.59 -4.11
N LYS A 133 19.88 7.84 -5.20
CA LYS A 133 19.10 8.29 -6.34
C LYS A 133 17.64 8.38 -5.92
N GLU A 134 17.17 7.37 -5.20
CA GLU A 134 15.81 7.33 -4.72
C GLU A 134 15.55 8.44 -3.71
N ILE A 135 16.55 8.76 -2.89
CA ILE A 135 16.40 9.83 -1.91
C ILE A 135 16.20 11.16 -2.62
N ALA A 136 17.02 11.43 -3.64
CA ALA A 136 16.91 12.67 -4.39
C ALA A 136 15.58 12.76 -5.14
N GLU A 137 15.10 11.65 -5.68
CA GLU A 137 13.85 11.64 -6.42
C GLU A 137 12.68 12.00 -5.52
N ALA A 138 12.67 11.44 -4.31
CA ALA A 138 11.60 11.71 -3.36
C ALA A 138 11.53 13.21 -3.02
N TYR A 139 12.67 13.88 -3.06
CA TYR A 139 12.72 15.30 -2.72
C TYR A 139 12.37 16.23 -3.87
N LEU A 140 12.81 15.87 -5.08
CA LEU A 140 12.54 16.72 -6.24
C LEU A 140 11.19 16.42 -6.88
N GLY A 141 10.77 15.16 -6.81
CA GLY A 141 9.50 14.77 -7.38
C GLY A 141 9.67 14.16 -8.77
N LYS A 142 10.75 14.53 -9.45
CA LYS A 142 11.02 14.02 -10.79
C LYS A 142 11.94 12.82 -10.71
N THR A 143 12.21 12.21 -11.86
CA THR A 143 13.13 11.08 -11.89
C THR A 143 14.52 11.71 -12.01
N VAL A 144 15.48 11.18 -11.27
CA VAL A 144 16.84 11.72 -11.29
C VAL A 144 17.75 10.76 -12.03
N THR A 145 18.45 11.26 -13.03
CA THR A 145 19.34 10.43 -13.81
C THR A 145 20.75 11.01 -13.92
N ASN A 146 20.87 12.33 -14.04
CA ASN A 146 22.18 12.97 -14.15
C ASN A 146 22.85 13.24 -12.82
N ALA A 147 24.12 12.85 -12.71
CA ALA A 147 24.83 13.06 -11.46
C ALA A 147 26.35 13.15 -11.59
N VAL A 148 26.94 13.86 -10.64
CA VAL A 148 28.37 13.99 -10.55
C VAL A 148 28.71 13.18 -9.31
N VAL A 149 29.67 12.27 -9.43
CA VAL A 149 30.09 11.44 -8.30
C VAL A 149 31.55 11.75 -7.98
N THR A 150 31.89 11.68 -6.69
CA THR A 150 33.25 11.97 -6.24
C THR A 150 34.01 10.73 -5.79
N VAL A 151 35.34 10.83 -5.82
CA VAL A 151 36.24 9.76 -5.40
C VAL A 151 37.50 10.40 -4.82
N PRO A 152 38.27 9.62 -4.04
CA PRO A 152 39.50 10.20 -3.46
C PRO A 152 40.45 10.59 -4.60
N ALA A 153 41.21 11.66 -4.38
CA ALA A 153 42.14 12.15 -5.39
C ALA A 153 43.18 11.09 -5.78
N TYR A 154 43.49 10.18 -4.87
CA TYR A 154 44.47 9.14 -5.15
C TYR A 154 43.95 7.93 -5.94
N PHE A 155 42.67 7.93 -6.28
CA PHE A 155 42.11 6.82 -7.05
C PHE A 155 42.72 6.75 -8.46
N ASN A 156 42.97 5.53 -8.93
CA ASN A 156 43.53 5.33 -10.26
C ASN A 156 42.39 5.15 -11.26
N ASP A 157 42.73 5.12 -12.54
CA ASP A 157 41.72 4.97 -13.58
C ASP A 157 40.83 3.75 -13.37
N SER A 158 41.40 2.69 -12.82
CA SER A 158 40.62 1.48 -12.59
C SER A 158 39.54 1.72 -11.53
N GLN A 159 39.89 2.38 -10.44
CA GLN A 159 38.95 2.66 -9.36
C GLN A 159 37.90 3.67 -9.82
N ARG A 160 38.30 4.65 -10.63
CA ARG A 160 37.36 5.65 -11.13
C ARG A 160 36.34 5.02 -12.06
N GLN A 161 36.82 4.17 -12.98
CA GLN A 161 35.95 3.51 -13.95
C GLN A 161 34.96 2.61 -13.21
N ALA A 162 35.46 1.84 -12.25
CA ALA A 162 34.59 0.95 -11.48
C ALA A 162 33.53 1.77 -10.72
N THR A 163 33.89 2.97 -10.29
CA THR A 163 32.92 3.81 -9.59
C THR A 163 31.89 4.33 -10.58
N LYS A 164 32.34 4.70 -11.78
CA LYS A 164 31.41 5.19 -12.79
C LYS A 164 30.43 4.07 -13.14
N ASP A 165 30.97 2.86 -13.33
CA ASP A 165 30.15 1.69 -13.66
C ASP A 165 29.09 1.47 -12.58
N ALA A 166 29.49 1.69 -11.33
CA ALA A 166 28.56 1.53 -10.22
C ALA A 166 27.41 2.51 -10.41
N GLY A 167 27.74 3.71 -10.90
CA GLY A 167 26.71 4.71 -11.13
C GLY A 167 25.83 4.26 -12.28
N THR A 168 26.45 3.75 -13.33
CA THR A 168 25.74 3.29 -14.51
C THR A 168 24.76 2.17 -14.15
N ILE A 169 25.22 1.20 -13.38
CA ILE A 169 24.37 0.10 -12.97
C ILE A 169 23.15 0.61 -12.18
N ALA A 170 23.35 1.67 -11.41
CA ALA A 170 22.26 2.26 -10.61
C ALA A 170 21.29 3.05 -11.48
N GLY A 171 21.52 3.06 -12.79
CA GLY A 171 20.64 3.77 -13.70
C GLY A 171 20.88 5.26 -13.74
N LEU A 172 22.11 5.66 -13.43
CA LEU A 172 22.48 7.06 -13.43
C LEU A 172 23.36 7.40 -14.62
N ASN A 173 23.32 8.65 -15.05
CA ASN A 173 24.15 9.11 -16.14
C ASN A 173 25.21 9.97 -15.45
N VAL A 174 26.35 9.36 -15.17
CA VAL A 174 27.45 10.04 -14.50
C VAL A 174 28.07 11.08 -15.42
N LEU A 175 27.74 12.35 -15.17
CA LEU A 175 28.27 13.45 -15.96
C LEU A 175 29.78 13.52 -15.82
N ARG A 176 30.27 13.20 -14.63
CA ARG A 176 31.71 13.23 -14.39
C ARG A 176 32.10 12.62 -13.04
N ILE A 177 33.34 12.16 -12.97
CA ILE A 177 33.90 11.61 -11.76
C ILE A 177 34.89 12.67 -11.31
N ILE A 178 34.62 13.35 -10.19
CA ILE A 178 35.56 14.37 -9.72
C ILE A 178 36.19 14.03 -8.37
N ASN A 179 37.33 14.65 -8.11
CA ASN A 179 38.07 14.42 -6.86
C ASN A 179 37.36 15.07 -5.70
N GLU A 180 37.29 14.33 -4.59
CA GLU A 180 36.68 14.82 -3.37
C GLU A 180 37.28 16.16 -2.94
N PRO A 181 38.61 16.26 -2.85
CA PRO A 181 39.17 17.55 -2.44
C PRO A 181 38.80 18.69 -3.40
N THR A 182 38.74 18.39 -4.68
CA THR A 182 38.38 19.41 -5.66
C THR A 182 36.95 19.86 -5.39
N ALA A 183 36.07 18.90 -5.09
CA ALA A 183 34.68 19.24 -4.81
C ALA A 183 34.60 20.16 -3.60
N ALA A 184 35.42 19.90 -2.58
CA ALA A 184 35.44 20.73 -1.38
C ALA A 184 35.86 22.16 -1.71
N ALA A 185 36.89 22.29 -2.55
CA ALA A 185 37.37 23.60 -2.94
C ALA A 185 36.30 24.36 -3.76
N ILE A 186 35.54 23.63 -4.58
CA ILE A 186 34.51 24.25 -5.38
C ILE A 186 33.40 24.72 -4.46
N ALA A 187 33.09 23.93 -3.44
CA ALA A 187 32.04 24.32 -2.49
C ALA A 187 32.34 25.68 -1.87
N TYR A 188 33.61 25.99 -1.64
CA TYR A 188 34.00 27.27 -1.05
C TYR A 188 34.36 28.30 -2.12
N GLY A 189 34.00 28.01 -3.38
CA GLY A 189 34.30 28.93 -4.47
C GLY A 189 35.75 29.39 -4.55
N LEU A 190 36.65 28.54 -4.10
CA LEU A 190 38.07 28.86 -4.12
C LEU A 190 38.61 28.90 -5.56
N ASP A 191 37.72 28.69 -6.52
CA ASP A 191 38.10 28.69 -7.92
C ASP A 191 37.57 29.94 -8.63
N LYS A 192 36.84 30.76 -7.88
CA LYS A 192 36.28 32.00 -8.44
C LYS A 192 36.71 33.21 -7.62
N LYS A 193 37.80 33.84 -8.04
CA LYS A 193 38.32 35.02 -7.35
C LYS A 193 39.43 35.68 -8.15
N VAL A 194 40.00 36.75 -7.59
CA VAL A 194 41.08 37.48 -8.26
C VAL A 194 42.44 37.00 -7.79
N GLY A 195 43.48 37.33 -8.54
CA GLY A 195 44.83 36.93 -8.20
C GLY A 195 45.43 35.97 -9.21
N ALA A 196 46.56 35.36 -8.85
CA ALA A 196 47.23 34.41 -9.72
C ALA A 196 47.19 33.00 -9.14
N GLU A 197 47.89 32.08 -9.78
CA GLU A 197 47.93 30.69 -9.33
C GLU A 197 48.10 30.61 -7.82
N ARG A 198 47.11 30.04 -7.14
CA ARG A 198 47.15 29.90 -5.69
C ARG A 198 47.10 28.43 -5.29
N ASN A 199 47.46 28.16 -4.04
CA ASN A 199 47.47 26.79 -3.52
C ASN A 199 46.38 26.56 -2.48
N VAL A 200 45.98 25.30 -2.31
CA VAL A 200 44.95 24.95 -1.36
C VAL A 200 45.24 23.62 -0.68
N LEU A 201 45.03 23.59 0.63
CA LEU A 201 45.24 22.35 1.36
C LEU A 201 43.89 21.94 1.91
N ILE A 202 43.48 20.73 1.56
CA ILE A 202 42.22 20.16 1.99
C ILE A 202 42.58 19.14 3.08
N PHE A 203 42.01 19.32 4.26
CA PHE A 203 42.26 18.45 5.41
C PHE A 203 40.94 17.72 5.65
N ASP A 204 40.90 16.45 5.23
CA ASP A 204 39.69 15.61 5.30
C ASP A 204 39.78 14.45 6.28
N LEU A 205 39.13 14.59 7.43
CA LEU A 205 39.12 13.56 8.46
C LEU A 205 37.71 13.06 8.71
N GLY A 206 37.38 11.89 8.17
CA GLY A 206 36.05 11.32 8.35
C GLY A 206 35.97 10.31 9.48
N GLY A 207 35.01 9.39 9.39
CA GLY A 207 34.86 8.37 10.42
C GLY A 207 35.93 7.29 10.44
N GLY A 208 36.53 6.99 9.27
CA GLY A 208 37.55 5.96 9.23
C GLY A 208 38.67 6.22 8.24
N THR A 209 38.64 7.38 7.59
CA THR A 209 39.68 7.73 6.62
C THR A 209 40.17 9.16 6.81
N PHE A 210 41.46 9.36 6.57
CA PHE A 210 42.06 10.67 6.70
C PHE A 210 42.87 10.99 5.45
N ASP A 211 42.48 12.06 4.76
CA ASP A 211 43.18 12.46 3.55
C ASP A 211 43.58 13.92 3.57
N VAL A 212 44.81 14.17 3.14
CA VAL A 212 45.35 15.52 3.04
C VAL A 212 45.65 15.70 1.56
N SER A 213 45.16 16.79 0.97
CA SER A 213 45.41 17.01 -0.44
C SER A 213 45.82 18.45 -0.68
N ILE A 214 46.79 18.63 -1.57
CA ILE A 214 47.22 19.97 -1.91
C ILE A 214 46.84 20.17 -3.38
N LEU A 215 46.07 21.22 -3.63
CA LEU A 215 45.64 21.56 -4.97
C LEU A 215 46.18 22.93 -5.32
N THR A 216 46.34 23.16 -6.62
CA THR A 216 46.78 24.45 -7.11
C THR A 216 45.68 24.85 -8.09
N ILE A 217 45.14 26.05 -7.91
CA ILE A 217 44.10 26.54 -8.78
C ILE A 217 44.66 27.75 -9.54
N GLU A 218 44.58 27.69 -10.86
CA GLU A 218 45.08 28.75 -11.74
C GLU A 218 43.95 29.09 -12.71
N ASP A 219 43.50 30.34 -12.71
CA ASP A 219 42.44 30.78 -13.63
C ASP A 219 41.30 29.77 -13.76
N GLY A 220 40.78 29.30 -12.63
CA GLY A 220 39.68 28.34 -12.63
C GLY A 220 40.02 26.89 -12.94
N ILE A 221 41.29 26.58 -13.13
CA ILE A 221 41.72 25.22 -13.44
C ILE A 221 42.37 24.58 -12.22
N PHE A 222 41.95 23.37 -11.89
CA PHE A 222 42.47 22.64 -10.73
C PHE A 222 43.51 21.59 -11.08
N GLU A 223 44.50 21.45 -10.21
CA GLU A 223 45.53 20.47 -10.39
C GLU A 223 45.94 19.91 -9.04
N VAL A 224 45.91 18.58 -8.91
CA VAL A 224 46.31 17.94 -7.67
C VAL A 224 47.82 17.95 -7.62
N LYS A 225 48.40 18.50 -6.56
CA LYS A 225 49.85 18.55 -6.45
C LYS A 225 50.38 17.39 -5.62
N SER A 226 49.61 16.98 -4.61
CA SER A 226 50.04 15.88 -3.76
C SER A 226 48.92 15.42 -2.84
N THR A 227 49.06 14.20 -2.35
CA THR A 227 48.09 13.62 -1.44
C THR A 227 48.86 12.81 -0.40
N ALA A 228 48.30 12.70 0.79
CA ALA A 228 48.91 11.93 1.87
C ALA A 228 47.79 11.66 2.86
N GLY A 229 48.07 10.91 3.91
CA GLY A 229 47.06 10.63 4.89
C GLY A 229 47.17 9.22 5.45
N ASP A 230 46.10 8.76 6.08
CA ASP A 230 46.07 7.43 6.67
C ASP A 230 44.69 6.86 6.39
N THR A 231 44.62 5.85 5.54
CA THR A 231 43.36 5.22 5.16
C THR A 231 42.62 4.51 6.29
N HIS A 232 43.28 4.32 7.42
CA HIS A 232 42.63 3.66 8.55
C HIS A 232 42.53 4.52 9.80
N LEU A 233 42.53 5.84 9.62
CA LEU A 233 42.45 6.77 10.73
C LEU A 233 41.18 7.62 10.61
N GLY A 234 40.28 7.50 11.57
CA GLY A 234 39.05 8.27 11.53
C GLY A 234 38.44 8.48 12.90
N GLY A 235 37.25 9.09 12.92
CA GLY A 235 36.57 9.36 14.17
C GLY A 235 36.35 8.15 15.06
N GLU A 236 36.18 6.98 14.44
CA GLU A 236 35.95 5.75 15.18
C GLU A 236 37.12 5.38 16.08
N ASP A 237 38.33 5.76 15.68
CA ASP A 237 39.51 5.46 16.47
C ASP A 237 39.53 6.30 17.74
N PHE A 238 39.07 7.54 17.65
CA PHE A 238 39.02 8.41 18.83
C PHE A 238 37.97 7.84 19.77
N ASP A 239 36.94 7.22 19.21
CA ASP A 239 35.88 6.61 20.00
C ASP A 239 36.41 5.35 20.68
N ASN A 240 37.23 4.59 19.97
CA ASN A 240 37.81 3.38 20.56
C ASN A 240 38.66 3.74 21.77
N ARG A 241 39.46 4.79 21.65
CA ARG A 241 40.30 5.20 22.77
C ARG A 241 39.46 5.49 24.00
N MET A 242 38.30 6.13 23.80
CA MET A 242 37.44 6.44 24.93
C MET A 242 36.85 5.14 25.48
N VAL A 243 36.36 4.28 24.60
CA VAL A 243 35.79 3.00 25.02
C VAL A 243 36.78 2.22 25.91
N ASN A 244 37.97 1.97 25.40
CA ASN A 244 38.97 1.25 26.19
C ASN A 244 39.17 1.93 27.54
N HIS A 245 39.15 3.26 27.53
CA HIS A 245 39.31 4.04 28.75
C HIS A 245 38.24 3.71 29.78
N PHE A 246 36.98 3.68 29.35
CA PHE A 246 35.89 3.39 30.26
C PHE A 246 35.77 1.92 30.63
N ILE A 247 36.29 1.04 29.78
CA ILE A 247 36.25 -0.38 30.10
C ILE A 247 37.21 -0.60 31.27
N ALA A 248 38.34 0.08 31.23
CA ALA A 248 39.34 -0.02 32.30
C ALA A 248 38.81 0.71 33.53
N GLU A 249 38.07 1.79 33.32
CA GLU A 249 37.49 2.53 34.44
C GLU A 249 36.50 1.63 35.17
N PHE A 250 35.64 0.96 34.41
CA PHE A 250 34.64 0.07 34.98
C PHE A 250 35.30 -1.05 35.82
N LYS A 251 36.41 -1.60 35.32
CA LYS A 251 37.13 -2.66 36.03
C LYS A 251 37.54 -2.19 37.42
N ARG A 252 38.05 -0.96 37.47
CA ARG A 252 38.51 -0.35 38.71
C ARG A 252 37.40 -0.05 39.71
N LYS A 253 36.30 0.51 39.22
CA LYS A 253 35.19 0.85 40.11
C LYS A 253 34.28 -0.32 40.48
N HIS A 254 34.15 -1.29 39.59
CA HIS A 254 33.27 -2.41 39.86
C HIS A 254 33.90 -3.79 39.79
N LYS A 255 35.22 -3.85 39.57
CA LYS A 255 35.93 -5.12 39.51
C LYS A 255 35.40 -6.06 38.42
N LYS A 256 34.75 -5.50 37.41
CA LYS A 256 34.21 -6.31 36.33
C LYS A 256 34.76 -5.90 34.96
N ASP A 257 35.04 -6.88 34.12
CA ASP A 257 35.54 -6.62 32.78
C ASP A 257 34.43 -6.90 31.78
N ILE A 258 34.01 -5.87 31.04
CA ILE A 258 32.93 -6.02 30.06
C ILE A 258 33.41 -6.25 28.63
N SER A 259 34.71 -6.13 28.40
CA SER A 259 35.28 -6.28 27.05
C SER A 259 34.79 -7.45 26.21
N GLU A 260 34.36 -8.53 26.86
CA GLU A 260 33.89 -9.69 26.12
C GLU A 260 32.36 -9.74 25.98
N ASN A 261 31.70 -8.62 26.25
CA ASN A 261 30.25 -8.55 26.15
C ASN A 261 29.87 -7.60 25.03
N LYS A 262 29.65 -8.15 23.84
CA LYS A 262 29.29 -7.36 22.67
C LYS A 262 28.31 -6.23 22.93
N ARG A 263 27.14 -6.57 23.45
CA ARG A 263 26.10 -5.59 23.72
C ARG A 263 26.58 -4.45 24.64
N ALA A 264 27.32 -4.80 25.68
CA ALA A 264 27.83 -3.81 26.62
C ALA A 264 28.80 -2.87 25.91
N VAL A 265 29.76 -3.45 25.19
CA VAL A 265 30.74 -2.66 24.45
C VAL A 265 30.06 -1.71 23.46
N ARG A 266 29.06 -2.22 22.74
CA ARG A 266 28.37 -1.39 21.76
C ARG A 266 27.60 -0.23 22.38
N ARG A 267 26.94 -0.48 23.50
CA ARG A 267 26.19 0.58 24.17
C ARG A 267 27.17 1.62 24.68
N LEU A 268 28.31 1.17 25.20
CA LEU A 268 29.32 2.08 25.70
C LEU A 268 29.83 2.91 24.53
N ARG A 269 30.12 2.24 23.41
CA ARG A 269 30.62 2.95 22.23
C ARG A 269 29.63 4.04 21.83
N THR A 270 28.35 3.72 21.82
CA THR A 270 27.35 4.73 21.46
C THR A 270 27.40 5.90 22.43
N ALA A 271 27.60 5.61 23.72
CA ALA A 271 27.67 6.68 24.71
C ALA A 271 28.92 7.55 24.48
N CYS A 272 30.02 6.91 24.09
CA CYS A 272 31.25 7.64 23.83
C CYS A 272 31.16 8.55 22.61
N GLU A 273 30.39 8.14 21.60
CA GLU A 273 30.22 8.95 20.39
C GLU A 273 29.52 10.26 20.74
N ARG A 274 28.49 10.17 21.59
CA ARG A 274 27.75 11.35 22.01
C ARG A 274 28.65 12.24 22.85
N ALA A 275 29.38 11.64 23.78
CA ALA A 275 30.29 12.40 24.65
C ALA A 275 31.30 13.17 23.78
N LYS A 276 31.83 12.50 22.76
CA LYS A 276 32.79 13.15 21.88
C LYS A 276 32.15 14.38 21.23
N ARG A 277 30.91 14.23 20.74
CA ARG A 277 30.20 15.35 20.12
C ARG A 277 30.06 16.51 21.10
N THR A 278 29.65 16.17 22.32
CA THR A 278 29.47 17.17 23.37
C THR A 278 30.78 17.90 23.65
N LEU A 279 31.88 17.17 23.68
CA LEU A 279 33.19 17.77 23.94
C LEU A 279 33.64 18.69 22.82
N SER A 280 32.90 18.72 21.71
CA SER A 280 33.25 19.61 20.62
C SER A 280 32.74 21.01 20.90
N SER A 281 31.78 21.12 21.81
CA SER A 281 31.24 22.43 22.17
C SER A 281 31.24 22.67 23.67
N SER A 282 31.67 21.66 24.44
CA SER A 282 31.74 21.79 25.90
C SER A 282 33.05 21.21 26.41
N THR A 283 33.57 21.77 27.49
CA THR A 283 34.83 21.30 28.07
C THR A 283 34.66 20.05 28.94
N GLN A 284 33.42 19.58 29.07
CA GLN A 284 33.14 18.40 29.89
C GLN A 284 31.87 17.69 29.39
N ALA A 285 31.81 16.37 29.59
CA ALA A 285 30.66 15.58 29.17
C ALA A 285 30.38 14.47 30.18
N SER A 286 29.11 14.09 30.28
CA SER A 286 28.69 13.02 31.19
C SER A 286 28.15 11.81 30.43
N ILE A 287 28.53 10.62 30.87
CA ILE A 287 28.08 9.37 30.27
C ILE A 287 27.25 8.58 31.29
N GLU A 288 26.06 8.14 30.87
CA GLU A 288 25.16 7.36 31.72
C GLU A 288 24.58 6.19 30.93
N ILE A 289 24.67 4.99 31.49
CA ILE A 289 24.15 3.81 30.82
C ILE A 289 23.48 2.88 31.81
N ASP A 290 22.17 2.70 31.65
CA ASP A 290 21.40 1.83 32.53
C ASP A 290 21.84 0.37 32.39
N SER A 291 22.10 -0.27 33.52
CA SER A 291 22.51 -1.67 33.55
C SER A 291 23.49 -2.04 32.44
N LEU A 292 24.67 -1.43 32.44
CA LEU A 292 25.68 -1.70 31.43
C LEU A 292 26.17 -3.14 31.48
N TYR A 293 26.40 -3.67 32.69
CA TYR A 293 26.87 -5.05 32.83
C TYR A 293 26.38 -5.68 34.13
N GLU A 294 25.79 -6.86 34.01
CA GLU A 294 25.26 -7.58 35.18
C GLU A 294 24.35 -6.72 36.04
N GLY A 295 23.51 -5.91 35.40
CA GLY A 295 22.58 -5.05 36.13
C GLY A 295 23.18 -3.83 36.80
N ILE A 296 24.46 -3.59 36.56
CA ILE A 296 25.15 -2.44 37.16
C ILE A 296 25.09 -1.19 36.30
N ASP A 297 24.66 -0.08 36.89
CA ASP A 297 24.58 1.19 36.16
C ASP A 297 25.95 1.82 35.98
N PHE A 298 26.19 2.35 34.80
CA PHE A 298 27.46 2.99 34.50
C PHE A 298 27.27 4.50 34.46
N TYR A 299 28.02 5.19 35.30
CA TYR A 299 27.95 6.64 35.37
C TYR A 299 29.37 7.17 35.52
N THR A 300 29.68 8.24 34.80
CA THR A 300 30.99 8.86 34.87
C THR A 300 31.00 10.14 34.04
N SER A 301 32.16 10.79 33.99
CA SER A 301 32.30 12.01 33.23
C SER A 301 33.68 12.04 32.61
N ILE A 302 33.88 13.00 31.72
CA ILE A 302 35.17 13.14 31.07
C ILE A 302 35.30 14.57 30.59
N THR A 303 36.48 15.13 30.77
CA THR A 303 36.75 16.49 30.34
C THR A 303 37.40 16.49 28.95
N ARG A 304 37.38 17.64 28.30
CA ARG A 304 37.98 17.78 26.99
C ARG A 304 39.47 17.49 27.09
N ALA A 305 40.11 18.03 28.12
CA ALA A 305 41.56 17.81 28.31
C ALA A 305 41.89 16.33 28.37
N ARG A 306 41.12 15.57 29.14
CA ARG A 306 41.37 14.13 29.27
C ARG A 306 41.13 13.40 27.94
N PHE A 307 40.11 13.86 27.21
CA PHE A 307 39.76 13.29 25.91
C PHE A 307 40.93 13.50 24.95
N GLU A 308 41.51 14.69 25.00
CA GLU A 308 42.64 15.04 24.15
C GLU A 308 43.88 14.21 24.53
N GLU A 309 44.09 14.00 25.82
CA GLU A 309 45.24 13.21 26.28
C GLU A 309 45.10 11.75 25.79
N LEU A 310 43.87 11.24 25.83
CA LEU A 310 43.61 9.88 25.38
C LEU A 310 43.90 9.70 23.89
N ASN A 311 43.77 10.78 23.14
CA ASN A 311 43.98 10.73 21.69
C ASN A 311 45.21 11.52 21.23
N ALA A 312 46.02 11.98 22.17
CA ALA A 312 47.20 12.80 21.87
C ALA A 312 48.03 12.38 20.65
N ASP A 313 48.48 11.12 20.64
CA ASP A 313 49.28 10.61 19.54
C ASP A 313 48.51 10.59 18.23
N LEU A 314 47.21 10.34 18.29
CA LEU A 314 46.42 10.32 17.07
C LEU A 314 46.19 11.75 16.54
N PHE A 315 45.86 12.68 17.43
CA PHE A 315 45.62 14.07 17.03
C PHE A 315 46.85 14.75 16.46
N ARG A 316 47.98 14.71 17.16
CA ARG A 316 49.17 15.36 16.62
C ARG A 316 49.71 14.60 15.41
N GLY A 317 49.42 13.31 15.33
CA GLY A 317 49.89 12.54 14.20
C GLY A 317 49.29 13.01 12.89
N THR A 318 48.15 13.71 12.93
CA THR A 318 47.54 14.18 11.70
C THR A 318 48.41 15.23 11.00
N LEU A 319 49.34 15.81 11.74
CA LEU A 319 50.24 16.81 11.17
C LEU A 319 51.36 16.20 10.29
N ASP A 320 51.67 14.92 10.49
CA ASP A 320 52.73 14.29 9.69
C ASP A 320 52.33 14.22 8.21
N PRO A 321 51.09 13.80 7.93
CA PRO A 321 50.70 13.75 6.50
C PRO A 321 50.65 15.18 5.92
N VAL A 322 50.41 16.17 6.76
CA VAL A 322 50.38 17.55 6.28
C VAL A 322 51.79 17.90 5.83
N GLU A 323 52.77 17.60 6.67
CA GLU A 323 54.17 17.87 6.34
C GLU A 323 54.61 17.06 5.12
N LYS A 324 54.16 15.82 5.02
CA LYS A 324 54.54 14.99 3.88
C LYS A 324 53.93 15.56 2.58
N ALA A 325 52.65 15.93 2.62
CA ALA A 325 51.99 16.49 1.46
C ALA A 325 52.71 17.76 1.01
N LEU A 326 53.12 18.58 1.98
CA LEU A 326 53.82 19.82 1.67
C LEU A 326 55.12 19.53 0.95
N ARG A 327 55.87 18.56 1.45
CA ARG A 327 57.13 18.18 0.85
C ARG A 327 56.92 17.64 -0.58
N ASP A 328 55.96 16.74 -0.75
CA ASP A 328 55.72 16.19 -2.09
C ASP A 328 55.24 17.26 -3.07
N ALA A 329 54.64 18.32 -2.56
CA ALA A 329 54.18 19.39 -3.45
C ALA A 329 55.31 20.40 -3.70
N LYS A 330 56.38 20.27 -2.92
CA LYS A 330 57.52 21.18 -3.00
C LYS A 330 57.09 22.58 -2.61
N LEU A 331 56.34 22.65 -1.52
CA LEU A 331 55.84 23.91 -1.01
C LEU A 331 56.16 24.08 0.47
N ASP A 332 56.34 25.33 0.89
CA ASP A 332 56.59 25.64 2.28
C ASP A 332 55.18 25.91 2.80
N LYS A 333 54.93 25.68 4.08
CA LYS A 333 53.60 25.89 4.62
C LYS A 333 53.11 27.34 4.46
N SER A 334 54.04 28.28 4.36
CA SER A 334 53.68 29.68 4.22
C SER A 334 53.16 29.92 2.81
N GLN A 335 53.28 28.92 1.96
CA GLN A 335 52.84 29.02 0.57
C GLN A 335 51.42 28.52 0.35
N ILE A 336 50.76 28.11 1.43
CA ILE A 336 49.39 27.65 1.32
C ILE A 336 48.48 28.88 1.46
N HIS A 337 47.60 29.08 0.48
CA HIS A 337 46.69 30.22 0.47
C HIS A 337 45.36 29.97 1.19
N ASP A 338 44.87 28.74 1.14
CA ASP A 338 43.61 28.40 1.80
C ASP A 338 43.68 27.00 2.39
N ILE A 339 43.05 26.83 3.53
CA ILE A 339 42.99 25.54 4.21
C ILE A 339 41.51 25.22 4.35
N VAL A 340 41.12 24.03 3.91
CA VAL A 340 39.72 23.63 3.99
C VAL A 340 39.52 22.42 4.88
N LEU A 341 38.52 22.50 5.74
CA LEU A 341 38.18 21.42 6.66
C LEU A 341 36.97 20.65 6.16
N VAL A 342 37.15 19.34 6.02
CA VAL A 342 36.09 18.45 5.58
C VAL A 342 36.17 17.19 6.44
N GLY A 343 35.03 16.54 6.64
CA GLY A 343 34.99 15.34 7.46
C GLY A 343 34.51 15.72 8.85
N GLY A 344 33.55 14.95 9.36
CA GLY A 344 32.97 15.20 10.67
C GLY A 344 33.94 15.47 11.81
N SER A 345 35.05 14.73 11.85
CA SER A 345 36.05 14.88 12.90
C SER A 345 36.82 16.18 12.92
N THR A 346 36.70 16.99 11.87
CA THR A 346 37.41 18.26 11.87
C THR A 346 36.71 19.25 12.81
N ARG A 347 35.63 18.80 13.45
CA ARG A 347 34.89 19.61 14.42
C ARG A 347 35.60 19.64 15.77
N ILE A 348 36.41 18.63 16.04
CA ILE A 348 37.16 18.53 17.30
C ILE A 348 38.07 19.76 17.45
N PRO A 349 37.85 20.57 18.50
CA PRO A 349 38.66 21.78 18.76
C PRO A 349 40.18 21.57 18.71
N LYS A 350 40.65 20.49 19.32
CA LYS A 350 42.09 20.22 19.34
C LYS A 350 42.66 20.04 17.92
N ILE A 351 41.89 19.40 17.05
CA ILE A 351 42.31 19.18 15.67
C ILE A 351 42.43 20.51 14.95
N GLN A 352 41.41 21.34 15.11
CA GLN A 352 41.40 22.66 14.51
C GLN A 352 42.55 23.51 15.04
N LYS A 353 42.79 23.45 16.34
CA LYS A 353 43.87 24.22 16.95
C LYS A 353 45.24 23.72 16.48
N LEU A 354 45.41 22.40 16.39
CA LEU A 354 46.71 21.89 15.94
C LEU A 354 47.06 22.36 14.52
N LEU A 355 46.06 22.34 13.63
CA LEU A 355 46.25 22.75 12.24
C LEU A 355 46.47 24.26 12.15
N GLN A 356 45.65 25.02 12.87
CA GLN A 356 45.78 26.47 12.86
C GLN A 356 47.16 26.89 13.39
N ASP A 357 47.59 26.32 14.52
CA ASP A 357 48.89 26.66 15.09
C ASP A 357 50.02 26.27 14.13
N PHE A 358 49.87 25.12 13.49
CA PHE A 358 50.87 24.67 12.54
C PHE A 358 51.02 25.72 11.45
N PHE A 359 49.89 26.33 11.05
CA PHE A 359 49.92 27.36 10.01
C PHE A 359 49.93 28.78 10.60
N ASN A 360 50.54 28.90 11.78
CA ASN A 360 50.69 30.17 12.48
C ASN A 360 49.44 31.06 12.57
N GLY A 361 48.34 30.49 12.99
CA GLY A 361 47.12 31.27 13.15
C GLY A 361 46.28 31.52 11.92
N LYS A 362 46.70 31.01 10.77
CA LYS A 362 45.92 31.23 9.55
C LYS A 362 44.48 30.75 9.78
N GLU A 363 43.52 31.51 9.26
CA GLU A 363 42.10 31.16 9.41
C GLU A 363 41.78 29.91 8.59
N LEU A 364 40.85 29.11 9.08
CA LEU A 364 40.46 27.88 8.40
C LEU A 364 39.07 27.98 7.76
N ASN A 365 38.93 27.43 6.56
CA ASN A 365 37.64 27.43 5.86
C ASN A 365 36.86 26.27 6.43
N LYS A 366 35.78 26.56 7.15
CA LYS A 366 35.00 25.51 7.77
C LYS A 366 33.53 25.83 7.94
N SER A 367 33.08 26.98 7.41
CA SER A 367 31.68 27.37 7.57
C SER A 367 30.69 26.38 6.96
N ILE A 368 31.14 25.56 6.02
CA ILE A 368 30.24 24.60 5.41
C ILE A 368 30.28 23.28 6.17
N ASN A 369 29.11 22.79 6.58
CA ASN A 369 29.01 21.54 7.31
C ASN A 369 30.04 20.56 6.72
N PRO A 370 31.05 20.20 7.52
CA PRO A 370 32.13 19.28 7.10
C PRO A 370 31.70 17.90 6.59
N ASP A 371 30.49 17.46 6.94
CA ASP A 371 30.03 16.16 6.46
C ASP A 371 29.36 16.32 5.10
N GLU A 372 29.08 17.57 4.71
CA GLU A 372 28.36 17.79 3.46
C GLU A 372 29.09 18.58 2.38
N ALA A 373 30.25 19.12 2.72
CA ALA A 373 31.05 19.93 1.79
C ALA A 373 31.33 19.26 0.45
N VAL A 374 31.79 18.00 0.48
CA VAL A 374 32.09 17.27 -0.75
C VAL A 374 30.86 17.15 -1.64
N ALA A 375 29.74 16.71 -1.06
CA ALA A 375 28.50 16.57 -1.80
C ALA A 375 28.08 17.96 -2.31
N TYR A 376 28.24 18.96 -1.45
CA TYR A 376 27.90 20.34 -1.80
C TYR A 376 28.62 20.74 -3.10
N GLY A 377 29.95 20.57 -3.12
CA GLY A 377 30.72 20.92 -4.31
C GLY A 377 30.35 20.12 -5.55
N ALA A 378 30.09 18.83 -5.37
CA ALA A 378 29.70 18.00 -6.50
C ALA A 378 28.36 18.46 -7.07
N ALA A 379 27.46 18.92 -6.20
CA ALA A 379 26.14 19.38 -6.63
C ALA A 379 26.30 20.63 -7.49
N VAL A 380 27.24 21.50 -7.10
CA VAL A 380 27.52 22.71 -7.83
C VAL A 380 28.04 22.35 -9.22
N GLN A 381 28.96 21.38 -9.26
CA GLN A 381 29.55 20.96 -10.51
C GLN A 381 28.51 20.31 -11.39
N ALA A 382 27.57 19.60 -10.78
CA ALA A 382 26.52 18.93 -11.54
C ALA A 382 25.67 19.99 -12.24
N ALA A 383 25.31 21.04 -11.52
CA ALA A 383 24.49 22.10 -12.09
C ALA A 383 25.18 22.73 -13.30
N ILE A 384 26.51 22.83 -13.24
CA ILE A 384 27.28 23.41 -14.34
C ILE A 384 27.33 22.50 -15.57
N LEU A 385 27.35 21.18 -15.35
CA LEU A 385 27.43 20.22 -16.43
C LEU A 385 26.08 19.73 -16.95
N SER A 386 25.01 20.07 -16.24
CA SER A 386 23.67 19.64 -16.63
C SER A 386 23.20 20.27 -17.93
N PRO B 10 -8.57 -0.25 -24.86
CA PRO B 10 -9.41 -1.47 -24.71
C PRO B 10 -10.84 -1.08 -24.32
N ALA B 11 -11.79 -1.37 -25.21
CA ALA B 11 -13.19 -1.05 -24.98
C ALA B 11 -13.89 -2.05 -24.07
N VAL B 12 -14.78 -1.56 -23.21
CA VAL B 12 -15.52 -2.45 -22.31
C VAL B 12 -17.01 -2.52 -22.62
N GLY B 13 -17.66 -3.56 -22.11
CA GLY B 13 -19.09 -3.73 -22.31
C GLY B 13 -19.76 -3.57 -20.96
N ILE B 14 -20.77 -2.71 -20.89
CA ILE B 14 -21.45 -2.47 -19.64
C ILE B 14 -22.94 -2.82 -19.66
N ASP B 15 -23.36 -3.68 -18.75
CA ASP B 15 -24.77 -4.04 -18.62
C ASP B 15 -25.28 -3.10 -17.51
N LEU B 16 -25.99 -2.05 -17.92
CA LEU B 16 -26.55 -1.07 -16.98
C LEU B 16 -27.91 -1.60 -16.62
N GLY B 17 -27.97 -2.35 -15.51
CA GLY B 17 -29.22 -2.94 -15.10
C GLY B 17 -30.00 -2.17 -14.07
N THR B 18 -31.27 -2.51 -13.95
CA THR B 18 -32.17 -1.88 -12.99
C THR B 18 -31.72 -2.05 -11.55
N THR B 19 -31.38 -3.28 -11.15
CA THR B 19 -30.98 -3.53 -9.77
C THR B 19 -29.46 -3.64 -9.60
N TYR B 20 -28.79 -4.22 -10.59
CA TYR B 20 -27.34 -4.36 -10.52
C TYR B 20 -26.73 -4.13 -11.90
N SER B 21 -25.45 -3.78 -11.94
CA SER B 21 -24.75 -3.54 -13.19
C SER B 21 -23.57 -4.49 -13.28
N CYS B 22 -23.06 -4.69 -14.49
CA CYS B 22 -21.95 -5.60 -14.69
C CYS B 22 -21.07 -5.12 -15.83
N VAL B 23 -19.75 -5.19 -15.65
CA VAL B 23 -18.86 -4.77 -16.70
C VAL B 23 -17.88 -5.87 -17.08
N GLY B 24 -17.65 -6.01 -18.38
CA GLY B 24 -16.76 -7.03 -18.89
C GLY B 24 -15.93 -6.50 -20.03
N VAL B 25 -14.84 -7.20 -20.33
CA VAL B 25 -13.94 -6.80 -21.41
C VAL B 25 -13.45 -8.03 -22.16
N PHE B 26 -13.36 -7.90 -23.47
CA PHE B 26 -12.92 -8.97 -24.35
C PHE B 26 -11.47 -8.73 -24.78
N GLN B 27 -10.55 -9.54 -24.27
CA GLN B 27 -9.15 -9.42 -24.65
C GLN B 27 -8.49 -10.78 -24.79
N HIS B 28 -7.65 -10.92 -25.81
CA HIS B 28 -6.96 -12.16 -26.07
C HIS B 28 -7.95 -13.29 -26.35
N GLY B 29 -8.99 -12.96 -27.12
CA GLY B 29 -9.99 -13.93 -27.49
C GLY B 29 -10.82 -14.53 -26.37
N LYS B 30 -10.90 -13.84 -25.23
CA LYS B 30 -11.67 -14.32 -24.09
C LYS B 30 -12.35 -13.17 -23.35
N VAL B 31 -13.60 -13.37 -22.96
CA VAL B 31 -14.32 -12.36 -22.22
C VAL B 31 -13.96 -12.50 -20.76
N GLU B 32 -13.79 -11.37 -20.09
CA GLU B 32 -13.48 -11.36 -18.68
C GLU B 32 -14.49 -10.46 -17.98
N ILE B 33 -15.30 -11.03 -17.10
CA ILE B 33 -16.27 -10.24 -16.34
C ILE B 33 -15.49 -9.74 -15.15
N ILE B 34 -15.36 -8.42 -15.07
CA ILE B 34 -14.58 -7.76 -14.03
C ILE B 34 -15.22 -7.65 -12.65
N ALA B 35 -14.47 -8.08 -11.63
CA ALA B 35 -14.92 -8.02 -10.24
C ALA B 35 -14.60 -6.64 -9.67
N ASN B 36 -15.42 -6.16 -8.73
CA ASN B 36 -15.18 -4.84 -8.14
C ASN B 36 -14.23 -4.97 -6.95
N ASP B 37 -14.08 -3.89 -6.19
CA ASP B 37 -13.19 -3.86 -5.03
C ASP B 37 -13.46 -4.93 -3.98
N GLN B 38 -14.70 -5.44 -3.94
CA GLN B 38 -15.05 -6.48 -2.98
C GLN B 38 -15.09 -7.86 -3.63
N GLY B 39 -14.58 -7.95 -4.85
CA GLY B 39 -14.58 -9.23 -5.54
C GLY B 39 -15.91 -9.66 -6.13
N ASN B 40 -16.89 -8.76 -6.18
CA ASN B 40 -18.20 -9.11 -6.74
C ASN B 40 -18.28 -8.79 -8.23
N ARG B 41 -18.68 -9.78 -9.04
CA ARG B 41 -18.79 -9.63 -10.48
C ARG B 41 -19.99 -8.78 -10.94
N THR B 42 -20.82 -8.35 -9.99
CA THR B 42 -21.93 -7.48 -10.32
C THR B 42 -21.91 -6.44 -9.23
N THR B 43 -22.37 -5.23 -9.56
CA THR B 43 -22.38 -4.13 -8.61
C THR B 43 -23.79 -3.57 -8.51
N PRO B 44 -24.28 -3.35 -7.29
CA PRO B 44 -25.64 -2.81 -7.16
C PRO B 44 -25.75 -1.42 -7.78
N SER B 45 -26.84 -1.17 -8.48
CA SER B 45 -27.07 0.12 -9.11
C SER B 45 -27.66 1.04 -8.04
N TYR B 46 -26.91 1.20 -6.95
CA TYR B 46 -27.32 2.01 -5.82
C TYR B 46 -26.41 3.23 -5.65
N VAL B 47 -27.01 4.35 -5.28
CA VAL B 47 -26.26 5.57 -5.04
C VAL B 47 -26.81 6.15 -3.75
N ALA B 48 -25.95 6.42 -2.79
CA ALA B 48 -26.38 6.98 -1.51
C ALA B 48 -25.70 8.31 -1.20
N PHE B 49 -26.40 9.16 -0.48
CA PHE B 49 -25.85 10.45 -0.11
C PHE B 49 -25.86 10.62 1.40
N THR B 50 -24.70 10.96 1.95
CA THR B 50 -24.57 11.12 3.40
C THR B 50 -24.09 12.53 3.77
N ASP B 51 -23.88 12.74 5.07
CA ASP B 51 -23.39 14.02 5.56
C ASP B 51 -22.02 14.34 4.98
N THR B 52 -21.25 13.32 4.64
CA THR B 52 -19.89 13.56 4.12
C THR B 52 -19.56 13.05 2.72
N GLU B 53 -20.29 12.08 2.22
CA GLU B 53 -19.94 11.55 0.90
C GLU B 53 -21.06 10.96 0.08
N ARG B 54 -20.71 10.60 -1.15
CA ARG B 54 -21.63 9.98 -2.10
C ARG B 54 -21.09 8.59 -2.34
N LEU B 55 -21.87 7.59 -1.96
CA LEU B 55 -21.46 6.19 -2.14
C LEU B 55 -22.17 5.61 -3.34
N ILE B 56 -21.53 4.66 -4.01
CA ILE B 56 -22.10 4.03 -5.20
C ILE B 56 -21.77 2.53 -5.19
N GLY B 57 -22.76 1.70 -5.49
CA GLY B 57 -22.50 0.27 -5.52
C GLY B 57 -22.67 -0.45 -4.19
N ASP B 58 -21.76 -1.37 -3.90
CA ASP B 58 -21.82 -2.16 -2.68
C ASP B 58 -21.87 -1.34 -1.39
N ALA B 59 -21.05 -0.30 -1.31
CA ALA B 59 -21.01 0.55 -0.12
C ALA B 59 -22.30 1.31 0.06
N ALA B 60 -22.95 1.64 -1.05
CA ALA B 60 -24.22 2.35 -0.99
C ALA B 60 -25.29 1.39 -0.49
N LYS B 61 -25.26 0.16 -1.00
CA LYS B 61 -26.25 -0.80 -0.56
C LYS B 61 -26.04 -1.27 0.88
N ASN B 62 -24.79 -1.30 1.34
CA ASN B 62 -24.51 -1.74 2.70
C ASN B 62 -25.12 -0.84 3.76
N GLN B 63 -25.32 0.44 3.44
CA GLN B 63 -25.86 1.36 4.43
C GLN B 63 -27.29 1.82 4.18
N VAL B 64 -28.05 1.05 3.41
CA VAL B 64 -29.43 1.45 3.14
C VAL B 64 -30.28 1.49 4.41
N ALA B 65 -30.13 0.49 5.29
CA ALA B 65 -30.91 0.45 6.52
C ALA B 65 -30.70 1.68 7.43
N MET B 66 -29.47 2.18 7.54
CA MET B 66 -29.21 3.34 8.39
C MET B 66 -29.53 4.66 7.69
N ASN B 67 -29.60 4.64 6.36
CA ASN B 67 -29.85 5.87 5.60
C ASN B 67 -30.81 5.60 4.42
N PRO B 68 -31.97 5.01 4.72
CA PRO B 68 -32.98 4.68 3.71
C PRO B 68 -33.49 5.81 2.80
N THR B 69 -33.79 6.97 3.36
CA THR B 69 -34.31 8.07 2.54
C THR B 69 -33.28 8.78 1.65
N ASN B 70 -31.99 8.46 1.82
CA ASN B 70 -31.00 9.10 0.96
C ASN B 70 -30.24 8.11 0.11
N THR B 71 -30.80 6.92 -0.03
CA THR B 71 -30.18 5.87 -0.82
C THR B 71 -31.09 5.59 -2.02
N VAL B 72 -30.64 5.99 -3.21
CA VAL B 72 -31.42 5.81 -4.42
C VAL B 72 -31.13 4.52 -5.19
N PHE B 73 -32.18 3.93 -5.74
CA PHE B 73 -32.06 2.71 -6.53
C PHE B 73 -33.25 2.66 -7.49
N ASP B 74 -33.20 1.78 -8.49
CA ASP B 74 -34.28 1.65 -9.46
C ASP B 74 -34.48 2.87 -10.34
N ALA B 75 -33.45 3.73 -10.43
CA ALA B 75 -33.53 4.94 -11.23
C ALA B 75 -33.91 4.61 -12.67
N LYS B 76 -33.43 3.47 -13.16
CA LYS B 76 -33.73 3.04 -14.52
C LYS B 76 -35.22 2.99 -14.79
N ARG B 77 -36.03 2.74 -13.76
CA ARG B 77 -37.48 2.67 -13.93
C ARG B 77 -38.10 4.05 -14.21
N LEU B 78 -37.31 5.10 -14.04
CA LEU B 78 -37.78 6.46 -14.26
C LEU B 78 -37.33 7.03 -15.59
N ILE B 79 -36.35 6.40 -16.22
CA ILE B 79 -35.83 6.88 -17.49
C ILE B 79 -36.90 6.98 -18.60
N GLY B 80 -37.05 8.18 -19.14
CA GLY B 80 -38.01 8.44 -20.20
C GLY B 80 -39.46 8.54 -19.72
N ARG B 81 -39.63 8.65 -18.41
CA ARG B 81 -40.96 8.72 -17.83
C ARG B 81 -41.40 10.13 -17.43
N ARG B 82 -42.70 10.34 -17.42
CA ARG B 82 -43.28 11.59 -16.97
C ARG B 82 -43.59 11.36 -15.48
N PHE B 83 -43.49 12.41 -14.67
CA PHE B 83 -43.79 12.28 -13.25
C PHE B 83 -45.20 11.71 -13.05
N ASP B 84 -46.17 12.20 -13.83
CA ASP B 84 -47.54 11.75 -13.67
C ASP B 84 -47.94 10.42 -14.33
N ASP B 85 -46.97 9.71 -14.92
CA ASP B 85 -47.28 8.41 -15.53
C ASP B 85 -47.75 7.48 -14.40
N ALA B 86 -48.75 6.64 -14.67
CA ALA B 86 -49.26 5.76 -13.63
C ALA B 86 -48.21 4.86 -12.97
N VAL B 87 -47.25 4.37 -13.74
CA VAL B 87 -46.24 3.49 -13.19
C VAL B 87 -45.28 4.22 -12.23
N VAL B 88 -45.02 5.49 -12.48
CA VAL B 88 -44.14 6.26 -11.60
C VAL B 88 -44.84 6.48 -10.24
N GLN B 89 -46.11 6.86 -10.27
CA GLN B 89 -46.85 7.10 -9.03
C GLN B 89 -46.96 5.80 -8.21
N SER B 90 -47.11 4.69 -8.91
CA SER B 90 -47.21 3.40 -8.23
C SER B 90 -45.84 3.02 -7.64
N ASP B 91 -44.78 3.13 -8.42
CA ASP B 91 -43.44 2.79 -7.94
C ASP B 91 -42.99 3.64 -6.74
N MET B 92 -43.37 4.93 -6.75
CA MET B 92 -43.00 5.84 -5.68
C MET B 92 -43.41 5.35 -4.30
N LYS B 93 -44.47 4.55 -4.23
CA LYS B 93 -44.93 4.05 -2.95
C LYS B 93 -44.02 3.00 -2.33
N HIS B 94 -43.18 2.36 -3.15
CA HIS B 94 -42.27 1.35 -2.64
C HIS B 94 -40.88 1.91 -2.46
N TRP B 95 -40.71 3.21 -2.70
CA TRP B 95 -39.41 3.82 -2.58
C TRP B 95 -39.31 4.72 -1.36
N PRO B 96 -38.28 4.52 -0.52
CA PRO B 96 -38.09 5.32 0.69
C PRO B 96 -37.66 6.74 0.32
N PHE B 97 -36.97 6.88 -0.81
CA PHE B 97 -36.51 8.20 -1.24
C PHE B 97 -37.61 9.00 -1.91
N MET B 98 -37.41 10.30 -1.94
CA MET B 98 -38.37 11.25 -2.51
C MET B 98 -38.26 11.44 -4.02
N VAL B 99 -39.41 11.52 -4.68
CA VAL B 99 -39.40 11.78 -6.11
C VAL B 99 -40.29 13.02 -6.26
N VAL B 100 -39.79 14.02 -6.98
CA VAL B 100 -40.56 15.24 -7.19
C VAL B 100 -40.77 15.49 -8.67
N ASN B 101 -41.69 16.39 -8.95
CA ASN B 101 -42.04 16.73 -10.30
C ASN B 101 -41.38 18.04 -10.73
N ASP B 102 -40.34 17.95 -11.56
CA ASP B 102 -39.70 19.16 -12.06
C ASP B 102 -40.15 19.39 -13.51
N ALA B 103 -41.18 20.20 -13.67
CA ALA B 103 -41.73 20.54 -14.98
C ALA B 103 -42.14 19.31 -15.81
N GLY B 104 -42.86 18.37 -15.18
CA GLY B 104 -43.30 17.18 -15.88
C GLY B 104 -42.36 15.99 -15.76
N ARG B 105 -41.10 16.24 -15.42
CA ARG B 105 -40.11 15.16 -15.28
C ARG B 105 -39.83 14.78 -13.82
N PRO B 106 -39.75 13.48 -13.54
CA PRO B 106 -39.48 13.06 -12.16
C PRO B 106 -38.00 13.23 -11.82
N LYS B 107 -37.72 13.58 -10.58
CA LYS B 107 -36.35 13.72 -10.10
C LYS B 107 -36.26 13.13 -8.70
N VAL B 108 -35.20 12.37 -8.43
CA VAL B 108 -35.08 11.83 -7.09
C VAL B 108 -34.47 12.93 -6.25
N GLN B 109 -34.99 13.12 -5.06
CA GLN B 109 -34.51 14.15 -4.17
C GLN B 109 -33.98 13.54 -2.88
N VAL B 110 -32.81 13.98 -2.45
CA VAL B 110 -32.16 13.47 -1.25
C VAL B 110 -31.44 14.58 -0.50
N GLU B 111 -30.92 14.24 0.68
CA GLU B 111 -30.14 15.19 1.46
C GLU B 111 -28.71 14.77 1.22
N TYR B 112 -27.83 15.73 0.97
CA TYR B 112 -26.44 15.42 0.71
C TYR B 112 -25.58 16.50 1.37
N LYS B 113 -24.70 16.08 2.28
CA LYS B 113 -23.84 17.02 2.99
C LYS B 113 -24.68 18.13 3.62
N GLY B 114 -25.83 17.76 4.17
CA GLY B 114 -26.72 18.72 4.79
C GLY B 114 -27.55 19.55 3.83
N GLU B 115 -27.38 19.32 2.53
CA GLU B 115 -28.11 20.09 1.51
C GLU B 115 -29.10 19.23 0.71
N THR B 116 -30.22 19.84 0.33
CA THR B 116 -31.25 19.16 -0.46
C THR B 116 -30.85 19.18 -1.93
N LYS B 117 -30.71 18.01 -2.52
CA LYS B 117 -30.33 17.89 -3.92
C LYS B 117 -31.32 17.00 -4.65
N SER B 118 -31.53 17.30 -5.93
CA SER B 118 -32.43 16.50 -6.75
C SER B 118 -31.68 16.10 -8.02
N PHE B 119 -31.90 14.89 -8.50
CA PHE B 119 -31.21 14.42 -9.69
C PHE B 119 -32.15 13.78 -10.69
N TYR B 120 -31.90 14.02 -11.98
CA TYR B 120 -32.70 13.39 -13.02
C TYR B 120 -32.30 11.92 -13.03
N PRO B 121 -33.21 11.04 -13.46
CA PRO B 121 -32.83 9.61 -13.49
C PRO B 121 -31.57 9.28 -14.29
N GLU B 122 -31.32 9.98 -15.39
CA GLU B 122 -30.11 9.67 -16.15
C GLU B 122 -28.84 10.13 -15.43
N GLU B 123 -28.96 11.09 -14.51
CA GLU B 123 -27.78 11.54 -13.78
C GLU B 123 -27.37 10.44 -12.80
N VAL B 124 -28.36 9.78 -12.21
CA VAL B 124 -28.09 8.70 -11.28
C VAL B 124 -27.42 7.55 -12.04
N SER B 125 -27.90 7.31 -13.26
CA SER B 125 -27.34 6.25 -14.09
C SER B 125 -25.90 6.60 -14.46
N SER B 126 -25.66 7.90 -14.67
CA SER B 126 -24.33 8.37 -15.03
C SER B 126 -23.37 8.07 -13.89
N MET B 127 -23.86 8.17 -12.66
CA MET B 127 -23.05 7.90 -11.49
C MET B 127 -22.69 6.41 -11.43
N VAL B 128 -23.66 5.57 -11.79
CA VAL B 128 -23.43 4.12 -11.80
C VAL B 128 -22.41 3.77 -12.90
N LEU B 129 -22.53 4.42 -14.05
CA LEU B 129 -21.60 4.18 -15.15
C LEU B 129 -20.19 4.60 -14.74
N THR B 130 -20.11 5.64 -13.91
CA THR B 130 -18.83 6.13 -13.42
C THR B 130 -18.19 5.06 -12.55
N LYS B 131 -18.99 4.47 -11.67
CA LYS B 131 -18.49 3.40 -10.81
C LYS B 131 -18.00 2.22 -11.66
N MET B 132 -18.81 1.84 -12.65
CA MET B 132 -18.44 0.71 -13.51
C MET B 132 -17.17 1.05 -14.29
N LYS B 133 -17.04 2.30 -14.71
CA LYS B 133 -15.86 2.72 -15.46
C LYS B 133 -14.62 2.53 -14.57
N GLU B 134 -14.72 2.99 -13.33
CA GLU B 134 -13.63 2.89 -12.38
C GLU B 134 -13.29 1.45 -12.03
N ILE B 135 -14.30 0.57 -11.98
CA ILE B 135 -14.05 -0.82 -11.66
C ILE B 135 -13.21 -1.42 -12.79
N ALA B 136 -13.61 -1.14 -14.03
CA ALA B 136 -12.88 -1.63 -15.19
C ALA B 136 -11.42 -1.13 -15.20
N GLU B 137 -11.23 0.16 -14.96
CA GLU B 137 -9.87 0.73 -14.97
C GLU B 137 -8.98 0.10 -13.90
N ALA B 138 -9.53 -0.15 -12.72
CA ALA B 138 -8.76 -0.76 -11.63
C ALA B 138 -8.24 -2.14 -12.04
N TYR B 139 -9.01 -2.81 -12.89
CA TYR B 139 -8.62 -4.13 -13.36
C TYR B 139 -7.64 -4.08 -14.52
N LEU B 140 -7.90 -3.18 -15.47
CA LEU B 140 -7.06 -3.05 -16.65
C LEU B 140 -5.77 -2.27 -16.41
N GLY B 141 -5.79 -1.40 -15.40
CA GLY B 141 -4.61 -0.61 -15.09
C GLY B 141 -4.38 0.45 -16.15
N LYS B 142 -5.41 0.71 -16.95
CA LYS B 142 -5.32 1.71 -18.01
C LYS B 142 -6.59 2.53 -17.97
N THR B 143 -6.60 3.63 -18.71
CA THR B 143 -7.77 4.48 -18.76
C THR B 143 -8.82 3.83 -19.65
N VAL B 144 -10.05 3.75 -19.15
CA VAL B 144 -11.13 3.17 -19.92
C VAL B 144 -11.97 4.33 -20.44
N THR B 145 -12.10 4.41 -21.76
CA THR B 145 -12.87 5.50 -22.36
C THR B 145 -13.94 5.01 -23.32
N ASN B 146 -13.65 3.95 -24.07
CA ASN B 146 -14.64 3.43 -25.01
C ASN B 146 -15.48 2.32 -24.39
N ALA B 147 -16.76 2.34 -24.71
CA ALA B 147 -17.65 1.34 -24.15
C ALA B 147 -18.92 1.17 -24.96
N VAL B 148 -19.53 0.02 -24.75
CA VAL B 148 -20.80 -0.32 -25.37
C VAL B 148 -21.72 -0.46 -24.16
N VAL B 149 -22.87 0.22 -24.18
CA VAL B 149 -23.80 0.14 -23.08
C VAL B 149 -25.10 -0.44 -23.58
N THR B 150 -25.72 -1.31 -22.78
CA THR B 150 -26.95 -1.97 -23.19
C THR B 150 -28.19 -1.31 -22.60
N VAL B 151 -29.32 -1.47 -23.27
CA VAL B 151 -30.60 -0.94 -22.83
C VAL B 151 -31.69 -1.95 -23.21
N PRO B 152 -32.85 -1.89 -22.54
CA PRO B 152 -33.95 -2.82 -22.85
C PRO B 152 -34.33 -2.62 -24.32
N ALA B 153 -34.76 -3.69 -24.99
CA ALA B 153 -35.12 -3.58 -26.40
C ALA B 153 -36.27 -2.62 -26.65
N TYR B 154 -37.15 -2.43 -25.66
CA TYR B 154 -38.31 -1.54 -25.82
C TYR B 154 -38.01 -0.06 -25.62
N PHE B 155 -36.77 0.28 -25.27
CA PHE B 155 -36.40 1.69 -25.08
C PHE B 155 -36.55 2.46 -26.38
N ASN B 156 -37.10 3.67 -26.30
CA ASN B 156 -37.28 4.50 -27.48
C ASN B 156 -36.06 5.35 -27.74
N ASP B 157 -36.16 6.27 -28.69
CA ASP B 157 -35.03 7.14 -29.04
C ASP B 157 -34.53 7.99 -27.88
N SER B 158 -35.45 8.67 -27.20
CA SER B 158 -35.06 9.54 -26.09
C SER B 158 -34.43 8.75 -24.95
N GLN B 159 -35.00 7.59 -24.63
CA GLN B 159 -34.44 6.77 -23.57
C GLN B 159 -33.01 6.34 -23.92
N ARG B 160 -32.81 5.91 -25.17
CA ARG B 160 -31.48 5.50 -25.62
C ARG B 160 -30.52 6.68 -25.60
N GLN B 161 -30.98 7.84 -26.07
CA GLN B 161 -30.14 9.03 -26.10
C GLN B 161 -29.76 9.46 -24.67
N ALA B 162 -30.70 9.33 -23.75
CA ALA B 162 -30.45 9.70 -22.37
C ALA B 162 -29.40 8.79 -21.75
N THR B 163 -29.42 7.50 -22.10
CA THR B 163 -28.45 6.56 -21.58
C THR B 163 -27.09 6.88 -22.17
N LYS B 164 -27.08 7.23 -23.45
CA LYS B 164 -25.84 7.59 -24.11
C LYS B 164 -25.27 8.83 -23.44
N ASP B 165 -26.12 9.84 -23.22
CA ASP B 165 -25.66 11.07 -22.59
C ASP B 165 -25.11 10.76 -21.19
N ALA B 166 -25.73 9.81 -20.50
CA ALA B 166 -25.27 9.45 -19.17
C ALA B 166 -23.88 8.84 -19.26
N GLY B 167 -23.62 8.14 -20.36
CA GLY B 167 -22.31 7.53 -20.53
C GLY B 167 -21.29 8.61 -20.86
N THR B 168 -21.68 9.55 -21.71
CA THR B 168 -20.80 10.64 -22.12
C THR B 168 -20.37 11.46 -20.90
N ILE B 169 -21.34 11.77 -20.03
CA ILE B 169 -21.06 12.53 -18.83
C ILE B 169 -20.17 11.78 -17.85
N ALA B 170 -20.20 10.45 -17.90
CA ALA B 170 -19.36 9.64 -17.02
C ALA B 170 -17.95 9.58 -17.59
N GLY B 171 -17.75 10.26 -18.72
CA GLY B 171 -16.44 10.27 -19.35
C GLY B 171 -16.22 9.11 -20.30
N LEU B 172 -17.31 8.49 -20.74
CA LEU B 172 -17.24 7.36 -21.65
C LEU B 172 -17.62 7.77 -23.07
N ASN B 173 -16.91 7.22 -24.03
CA ASN B 173 -17.21 7.45 -25.44
C ASN B 173 -18.07 6.23 -25.80
N VAL B 174 -19.38 6.41 -25.79
CA VAL B 174 -20.29 5.32 -26.11
C VAL B 174 -20.22 4.95 -27.59
N LEU B 175 -19.52 3.86 -27.87
CA LEU B 175 -19.37 3.37 -29.24
C LEU B 175 -20.73 3.00 -29.82
N ARG B 176 -21.57 2.41 -28.98
CA ARG B 176 -22.91 2.02 -29.41
C ARG B 176 -23.82 1.62 -28.26
N ILE B 177 -25.10 1.89 -28.43
CA ILE B 177 -26.12 1.53 -27.45
C ILE B 177 -26.78 0.30 -28.06
N ILE B 178 -26.66 -0.87 -27.43
CA ILE B 178 -27.28 -2.06 -27.99
C ILE B 178 -28.35 -2.65 -27.08
N ASN B 179 -29.30 -3.36 -27.67
CA ASN B 179 -30.37 -3.98 -26.91
C ASN B 179 -29.83 -5.14 -26.08
N GLU B 180 -30.35 -5.27 -24.87
CA GLU B 180 -29.96 -6.32 -23.94
C GLU B 180 -30.12 -7.73 -24.55
N PRO B 181 -31.26 -8.01 -25.17
CA PRO B 181 -31.41 -9.35 -25.77
C PRO B 181 -30.44 -9.62 -26.92
N THR B 182 -30.10 -8.58 -27.69
CA THR B 182 -29.16 -8.73 -28.78
C THR B 182 -27.80 -9.07 -28.21
N ALA B 183 -27.45 -8.40 -27.13
CA ALA B 183 -26.18 -8.64 -26.44
C ALA B 183 -26.09 -10.08 -25.95
N ALA B 184 -27.22 -10.60 -25.45
CA ALA B 184 -27.26 -11.97 -24.93
C ALA B 184 -27.08 -12.95 -26.10
N ALA B 185 -27.72 -12.64 -27.22
CA ALA B 185 -27.61 -13.47 -28.42
C ALA B 185 -26.15 -13.49 -28.91
N ILE B 186 -25.47 -12.35 -28.81
CA ILE B 186 -24.09 -12.26 -29.25
C ILE B 186 -23.16 -13.02 -28.31
N ALA B 187 -23.52 -13.08 -27.03
CA ALA B 187 -22.68 -13.79 -26.08
C ALA B 187 -22.62 -15.26 -26.45
N TYR B 188 -23.72 -15.79 -26.98
CA TYR B 188 -23.77 -17.19 -27.38
C TYR B 188 -23.34 -17.40 -28.84
N GLY B 189 -22.79 -16.36 -29.46
CA GLY B 189 -22.34 -16.47 -30.84
C GLY B 189 -23.41 -16.79 -31.87
N LEU B 190 -24.66 -16.50 -31.54
CA LEU B 190 -25.78 -16.79 -32.43
C LEU B 190 -25.74 -16.02 -33.75
N ASP B 191 -25.03 -14.91 -33.77
CA ASP B 191 -24.92 -14.10 -34.98
C ASP B 191 -23.78 -14.56 -35.90
N LYS B 192 -23.02 -15.55 -35.44
CA LYS B 192 -21.91 -16.09 -36.21
C LYS B 192 -22.24 -17.44 -36.83
N LYS B 193 -23.48 -17.90 -36.66
CA LYS B 193 -23.86 -19.19 -37.22
C LYS B 193 -24.14 -19.13 -38.72
N VAL B 194 -24.25 -20.30 -39.33
CA VAL B 194 -24.48 -20.43 -40.76
C VAL B 194 -25.94 -20.63 -41.14
N GLY B 195 -26.29 -20.30 -42.37
CA GLY B 195 -27.65 -20.50 -42.84
C GLY B 195 -28.51 -19.30 -43.16
N ALA B 196 -29.81 -19.54 -43.22
CA ALA B 196 -30.79 -18.51 -43.50
C ALA B 196 -31.21 -17.89 -42.17
N GLU B 197 -32.27 -17.10 -42.21
CA GLU B 197 -32.80 -16.45 -41.00
C GLU B 197 -32.92 -17.41 -39.83
N ARG B 198 -32.56 -16.94 -38.64
CA ARG B 198 -32.68 -17.72 -37.43
C ARG B 198 -33.52 -16.87 -36.49
N ASN B 199 -34.51 -17.51 -35.86
CA ASN B 199 -35.39 -16.83 -34.93
C ASN B 199 -34.91 -17.19 -33.55
N VAL B 200 -34.67 -16.17 -32.74
CA VAL B 200 -34.18 -16.38 -31.40
C VAL B 200 -35.09 -15.77 -30.34
N LEU B 201 -35.35 -16.53 -29.29
CA LEU B 201 -36.16 -16.02 -28.20
C LEU B 201 -35.27 -15.82 -26.99
N ILE B 202 -35.31 -14.62 -26.43
CA ILE B 202 -34.53 -14.31 -25.25
C ILE B 202 -35.54 -14.20 -24.11
N PHE B 203 -35.34 -15.06 -23.11
CA PHE B 203 -36.20 -15.13 -21.93
C PHE B 203 -35.37 -14.55 -20.78
N ASP B 204 -35.73 -13.34 -20.36
CA ASP B 204 -34.98 -12.61 -19.33
C ASP B 204 -35.79 -12.30 -18.07
N LEU B 205 -35.52 -13.07 -17.03
CA LEU B 205 -36.20 -12.95 -15.75
C LEU B 205 -35.20 -12.56 -14.65
N GLY B 206 -35.14 -11.28 -14.31
CA GLY B 206 -34.22 -10.83 -13.28
C GLY B 206 -34.84 -10.71 -11.89
N GLY B 207 -34.20 -9.91 -11.03
CA GLY B 207 -34.71 -9.73 -9.68
C GLY B 207 -36.03 -8.98 -9.60
N GLY B 208 -36.26 -8.06 -10.51
CA GLY B 208 -37.50 -7.30 -10.48
C GLY B 208 -38.20 -7.09 -11.81
N THR B 209 -37.69 -7.67 -12.88
CA THR B 209 -38.32 -7.49 -14.18
C THR B 209 -38.29 -8.74 -15.06
N PHE B 210 -39.27 -8.82 -15.96
CA PHE B 210 -39.38 -9.96 -16.86
C PHE B 210 -39.59 -9.44 -18.29
N ASP B 211 -38.67 -9.81 -19.17
CA ASP B 211 -38.73 -9.38 -20.57
C ASP B 211 -38.51 -10.55 -21.51
N VAL B 212 -39.35 -10.63 -22.53
CA VAL B 212 -39.24 -11.66 -23.55
C VAL B 212 -39.05 -10.95 -24.88
N SER B 213 -38.05 -11.38 -25.64
CA SER B 213 -37.80 -10.75 -26.92
C SER B 213 -37.62 -11.79 -28.01
N ILE B 214 -38.13 -11.50 -29.19
CA ILE B 214 -37.92 -12.40 -30.31
C ILE B 214 -37.10 -11.61 -31.32
N LEU B 215 -35.96 -12.17 -31.69
CA LEU B 215 -35.06 -11.54 -32.65
C LEU B 215 -34.88 -12.47 -33.84
N THR B 216 -34.64 -11.88 -35.00
CA THR B 216 -34.38 -12.68 -36.18
C THR B 216 -32.96 -12.28 -36.60
N ILE B 217 -32.15 -13.27 -36.95
CA ILE B 217 -30.78 -12.98 -37.33
C ILE B 217 -30.47 -13.53 -38.73
N GLU B 218 -30.08 -12.64 -39.63
CA GLU B 218 -29.72 -13.03 -40.98
C GLU B 218 -28.40 -12.39 -41.37
N ASP B 219 -27.39 -13.22 -41.64
CA ASP B 219 -26.07 -12.75 -42.03
C ASP B 219 -25.53 -11.72 -41.04
N GLY B 220 -25.59 -12.06 -39.75
CA GLY B 220 -25.08 -11.18 -38.72
C GLY B 220 -25.86 -9.91 -38.44
N ILE B 221 -27.01 -9.73 -39.09
CA ILE B 221 -27.82 -8.54 -38.86
C ILE B 221 -29.02 -8.86 -37.98
N PHE B 222 -29.19 -8.07 -36.91
CA PHE B 222 -30.30 -8.27 -35.97
C PHE B 222 -31.51 -7.41 -36.22
N GLU B 223 -32.68 -7.99 -36.01
CA GLU B 223 -33.94 -7.29 -36.12
C GLU B 223 -34.81 -7.75 -34.96
N VAL B 224 -35.32 -6.80 -34.19
CA VAL B 224 -36.20 -7.12 -33.07
C VAL B 224 -37.57 -7.35 -33.69
N LYS B 225 -38.15 -8.53 -33.48
CA LYS B 225 -39.46 -8.82 -34.05
C LYS B 225 -40.60 -8.50 -33.09
N SER B 226 -40.38 -8.76 -31.81
CA SER B 226 -41.40 -8.51 -30.81
C SER B 226 -40.82 -8.52 -29.41
N THR B 227 -41.48 -7.80 -28.50
CA THR B 227 -41.08 -7.76 -27.10
C THR B 227 -42.33 -7.87 -26.26
N ALA B 228 -42.20 -8.53 -25.11
CA ALA B 228 -43.31 -8.69 -24.19
C ALA B 228 -42.69 -8.92 -22.83
N GLY B 229 -43.51 -8.92 -21.79
CA GLY B 229 -43.00 -9.17 -20.46
C GLY B 229 -43.86 -8.54 -19.40
N ASP B 230 -43.28 -8.37 -18.21
CA ASP B 230 -43.96 -7.75 -17.08
C ASP B 230 -42.89 -6.97 -16.34
N THR B 231 -42.96 -5.64 -16.42
CA THR B 231 -41.98 -4.78 -15.76
C THR B 231 -41.91 -4.93 -14.24
N HIS B 232 -42.88 -5.62 -13.65
CA HIS B 232 -42.88 -5.82 -12.20
C HIS B 232 -42.93 -7.28 -11.76
N LEU B 233 -42.26 -8.16 -12.50
CA LEU B 233 -42.25 -9.57 -12.13
C LEU B 233 -40.81 -10.04 -12.10
N GLY B 234 -40.43 -10.72 -11.03
CA GLY B 234 -39.06 -11.21 -10.92
C GLY B 234 -38.83 -11.98 -9.65
N GLY B 235 -37.56 -12.30 -9.40
CA GLY B 235 -37.18 -13.06 -8.23
C GLY B 235 -37.68 -12.50 -6.92
N GLU B 236 -37.64 -11.17 -6.77
CA GLU B 236 -38.10 -10.54 -5.55
C GLU B 236 -39.56 -10.87 -5.23
N ASP B 237 -40.38 -11.10 -6.25
CA ASP B 237 -41.78 -11.43 -6.01
C ASP B 237 -41.89 -12.87 -5.50
N PHE B 238 -41.00 -13.74 -5.96
CA PHE B 238 -41.02 -15.13 -5.50
C PHE B 238 -40.58 -15.18 -4.04
N ASP B 239 -39.64 -14.31 -3.67
CA ASP B 239 -39.15 -14.24 -2.29
C ASP B 239 -40.26 -13.68 -1.41
N ASN B 240 -40.98 -12.72 -1.97
CA ASN B 240 -42.09 -12.07 -1.30
C ASN B 240 -43.17 -13.09 -0.88
N ARG B 241 -43.51 -13.99 -1.80
CA ARG B 241 -44.50 -15.02 -1.53
C ARG B 241 -44.00 -15.85 -0.34
N MET B 242 -42.70 -16.11 -0.31
CA MET B 242 -42.12 -16.89 0.79
C MET B 242 -42.14 -16.11 2.09
N VAL B 243 -41.82 -14.83 2.01
CA VAL B 243 -41.82 -14.01 3.21
C VAL B 243 -43.20 -13.97 3.85
N ASN B 244 -44.23 -13.72 3.06
CA ASN B 244 -45.59 -13.66 3.61
C ASN B 244 -46.03 -15.00 4.13
N HIS B 245 -45.58 -16.06 3.46
CA HIS B 245 -45.92 -17.40 3.88
C HIS B 245 -45.32 -17.70 5.26
N PHE B 246 -44.05 -17.33 5.46
CA PHE B 246 -43.43 -17.62 6.74
C PHE B 246 -43.85 -16.68 7.87
N ILE B 247 -44.28 -15.47 7.51
CA ILE B 247 -44.77 -14.53 8.52
C ILE B 247 -46.07 -15.13 9.09
N ALA B 248 -46.88 -15.71 8.21
CA ALA B 248 -48.14 -16.33 8.62
C ALA B 248 -47.84 -17.60 9.44
N GLU B 249 -46.81 -18.34 9.05
CA GLU B 249 -46.43 -19.56 9.77
C GLU B 249 -45.85 -19.25 11.14
N PHE B 250 -45.11 -18.15 11.24
CA PHE B 250 -44.52 -17.77 12.53
C PHE B 250 -45.67 -17.32 13.44
N LYS B 251 -46.64 -16.63 12.85
CA LYS B 251 -47.80 -16.15 13.58
C LYS B 251 -48.62 -17.32 14.09
N ARG B 252 -48.77 -18.34 13.24
CA ARG B 252 -49.53 -19.53 13.61
C ARG B 252 -48.84 -20.36 14.69
N LYS B 253 -47.52 -20.50 14.58
CA LYS B 253 -46.76 -21.30 15.54
C LYS B 253 -46.42 -20.61 16.86
N HIS B 254 -46.05 -19.34 16.82
CA HIS B 254 -45.68 -18.65 18.04
C HIS B 254 -46.65 -17.59 18.50
N LYS B 255 -47.71 -17.37 17.74
CA LYS B 255 -48.70 -16.37 18.11
C LYS B 255 -48.04 -14.99 18.20
N LYS B 256 -47.15 -14.70 17.26
CA LYS B 256 -46.43 -13.44 17.21
C LYS B 256 -46.37 -12.95 15.77
N ASP B 257 -46.76 -11.70 15.54
CA ASP B 257 -46.73 -11.12 14.20
C ASP B 257 -45.51 -10.20 14.10
N ILE B 258 -44.53 -10.57 13.28
CA ILE B 258 -43.31 -9.78 13.12
C ILE B 258 -43.41 -8.65 12.10
N SER B 259 -44.53 -8.60 11.37
CA SER B 259 -44.76 -7.59 10.34
C SER B 259 -44.38 -6.14 10.58
N GLU B 260 -44.41 -5.69 11.84
CA GLU B 260 -44.09 -4.29 12.11
C GLU B 260 -42.66 -4.07 12.59
N ASN B 261 -41.86 -5.13 12.62
CA ASN B 261 -40.47 -5.03 13.03
C ASN B 261 -39.67 -5.13 11.74
N LYS B 262 -39.36 -3.98 11.14
CA LYS B 262 -38.61 -3.95 9.88
C LYS B 262 -37.35 -4.82 9.88
N ARG B 263 -36.58 -4.78 10.96
CA ARG B 263 -35.37 -5.58 11.00
C ARG B 263 -35.69 -7.08 10.89
N ALA B 264 -36.73 -7.53 11.59
CA ALA B 264 -37.11 -8.94 11.55
C ALA B 264 -37.50 -9.34 10.13
N VAL B 265 -38.35 -8.55 9.50
CA VAL B 265 -38.77 -8.79 8.13
C VAL B 265 -37.58 -8.79 7.16
N ARG B 266 -36.63 -7.89 7.38
CA ARG B 266 -35.45 -7.80 6.51
C ARG B 266 -34.62 -9.07 6.61
N ARG B 267 -34.44 -9.57 7.82
CA ARG B 267 -33.66 -10.79 8.03
C ARG B 267 -34.41 -12.00 7.47
N LEU B 268 -35.73 -12.04 7.66
CA LEU B 268 -36.51 -13.15 7.11
C LEU B 268 -36.43 -13.13 5.58
N ARG B 269 -36.51 -11.94 4.98
CA ARG B 269 -36.45 -11.81 3.51
C ARG B 269 -35.10 -12.32 3.01
N THR B 270 -34.04 -11.94 3.70
CA THR B 270 -32.70 -12.39 3.33
C THR B 270 -32.65 -13.92 3.42
N ALA B 271 -33.24 -14.48 4.46
CA ALA B 271 -33.25 -15.94 4.64
C ALA B 271 -34.02 -16.61 3.49
N CYS B 272 -35.15 -16.04 3.09
CA CYS B 272 -35.92 -16.60 1.98
C CYS B 272 -35.18 -16.52 0.64
N GLU B 273 -34.44 -15.43 0.42
CA GLU B 273 -33.67 -15.26 -0.81
C GLU B 273 -32.63 -16.37 -0.86
N ARG B 274 -31.95 -16.57 0.26
CA ARG B 274 -30.93 -17.60 0.36
C ARG B 274 -31.56 -18.97 0.11
N ALA B 275 -32.70 -19.22 0.75
CA ALA B 275 -33.37 -20.49 0.58
C ALA B 275 -33.75 -20.70 -0.88
N LYS B 276 -34.23 -19.64 -1.53
CA LYS B 276 -34.62 -19.76 -2.92
C LYS B 276 -33.43 -20.19 -3.78
N ARG B 277 -32.27 -19.59 -3.55
CA ARG B 277 -31.10 -19.94 -4.34
C ARG B 277 -30.73 -21.40 -4.12
N THR B 278 -30.78 -21.82 -2.85
CA THR B 278 -30.46 -23.20 -2.51
C THR B 278 -31.40 -24.18 -3.20
N LEU B 279 -32.67 -23.78 -3.37
CA LEU B 279 -33.65 -24.65 -4.03
C LEU B 279 -33.44 -24.77 -5.54
N SER B 280 -32.51 -23.99 -6.10
CA SER B 280 -32.24 -24.09 -7.51
C SER B 280 -31.21 -25.21 -7.73
N SER B 281 -30.55 -25.62 -6.64
CA SER B 281 -29.56 -26.70 -6.67
C SER B 281 -29.97 -27.92 -5.85
N SER B 282 -30.76 -27.71 -4.80
CA SER B 282 -31.23 -28.80 -3.93
C SER B 282 -32.75 -28.92 -3.91
N THR B 283 -33.25 -30.07 -3.44
CA THR B 283 -34.69 -30.31 -3.39
C THR B 283 -35.32 -29.85 -2.07
N GLN B 284 -34.50 -29.37 -1.14
CA GLN B 284 -35.02 -28.84 0.12
C GLN B 284 -34.02 -27.85 0.73
N ALA B 285 -34.54 -26.94 1.54
CA ALA B 285 -33.70 -25.94 2.19
C ALA B 285 -34.17 -25.70 3.63
N SER B 286 -33.21 -25.46 4.51
CA SER B 286 -33.53 -25.17 5.90
C SER B 286 -33.54 -23.67 5.97
N ILE B 287 -34.45 -23.12 6.77
CA ILE B 287 -34.52 -21.69 6.94
C ILE B 287 -34.44 -21.42 8.44
N GLU B 288 -33.32 -20.88 8.88
CA GLU B 288 -33.13 -20.63 10.29
C GLU B 288 -32.64 -19.24 10.58
N ILE B 289 -33.24 -18.61 11.58
CA ILE B 289 -32.83 -17.28 11.97
C ILE B 289 -32.69 -17.13 13.49
N ASP B 290 -31.48 -16.84 13.91
CA ASP B 290 -31.17 -16.64 15.31
C ASP B 290 -31.96 -15.47 15.88
N SER B 291 -32.69 -15.73 16.95
CA SER B 291 -33.50 -14.71 17.62
C SER B 291 -34.18 -13.77 16.62
N LEU B 292 -35.16 -14.27 15.90
CA LEU B 292 -35.87 -13.47 14.90
C LEU B 292 -36.74 -12.38 15.48
N TYR B 293 -37.50 -12.72 16.53
CA TYR B 293 -38.41 -11.77 17.17
C TYR B 293 -38.49 -12.08 18.66
N GLU B 294 -38.36 -11.06 19.50
CA GLU B 294 -38.37 -11.22 20.96
C GLU B 294 -37.46 -12.36 21.42
N GLY B 295 -36.32 -12.53 20.75
CA GLY B 295 -35.38 -13.56 21.12
C GLY B 295 -35.75 -14.97 20.64
N ILE B 296 -36.93 -15.08 20.05
CA ILE B 296 -37.43 -16.36 19.55
C ILE B 296 -36.76 -16.75 18.24
N ASP B 297 -36.12 -17.91 18.22
CA ASP B 297 -35.48 -18.38 17.01
C ASP B 297 -36.53 -18.80 15.96
N PHE B 298 -36.16 -18.65 14.69
CA PHE B 298 -37.03 -19.05 13.58
C PHE B 298 -36.34 -20.29 13.07
N TYR B 299 -37.09 -21.37 12.97
CA TYR B 299 -36.51 -22.64 12.56
C TYR B 299 -37.52 -23.46 11.77
N THR B 300 -37.28 -23.61 10.48
CA THR B 300 -38.19 -24.37 9.65
C THR B 300 -37.47 -24.86 8.41
N SER B 301 -38.24 -25.44 7.49
CA SER B 301 -37.64 -25.92 6.26
C SER B 301 -38.69 -25.82 5.19
N ILE B 302 -38.24 -25.98 3.95
CA ILE B 302 -39.15 -25.92 2.83
C ILE B 302 -38.61 -26.78 1.70
N THR B 303 -39.52 -27.44 0.99
CA THR B 303 -39.09 -28.27 -0.11
C THR B 303 -39.22 -27.47 -1.40
N ARG B 304 -38.50 -27.91 -2.43
CA ARG B 304 -38.58 -27.25 -3.73
C ARG B 304 -40.04 -27.26 -4.19
N ALA B 305 -40.72 -28.38 -4.01
CA ALA B 305 -42.12 -28.52 -4.42
C ALA B 305 -43.04 -27.53 -3.70
N ARG B 306 -42.75 -27.25 -2.43
CA ARG B 306 -43.58 -26.32 -1.70
C ARG B 306 -43.30 -24.90 -2.20
N PHE B 307 -42.05 -24.64 -2.59
CA PHE B 307 -41.66 -23.34 -3.11
C PHE B 307 -42.37 -23.13 -4.45
N GLU B 308 -42.41 -24.17 -5.27
CA GLU B 308 -43.05 -24.07 -6.57
C GLU B 308 -44.55 -23.83 -6.42
N GLU B 309 -45.16 -24.50 -5.45
CA GLU B 309 -46.58 -24.36 -5.19
C GLU B 309 -46.94 -22.94 -4.77
N LEU B 310 -46.11 -22.33 -3.91
CA LEU B 310 -46.36 -20.97 -3.47
C LEU B 310 -46.32 -19.98 -4.64
N ASN B 311 -45.54 -20.33 -5.66
CA ASN B 311 -45.37 -19.46 -6.82
C ASN B 311 -46.00 -19.97 -8.12
N ALA B 312 -46.66 -21.11 -8.04
CA ALA B 312 -47.27 -21.75 -9.23
C ALA B 312 -47.87 -20.79 -10.26
N ASP B 313 -48.81 -19.95 -9.84
CA ASP B 313 -49.45 -19.02 -10.76
C ASP B 313 -48.43 -18.07 -11.40
N LEU B 314 -47.43 -17.65 -10.61
CA LEU B 314 -46.43 -16.75 -11.16
C LEU B 314 -45.52 -17.48 -12.16
N PHE B 315 -45.12 -18.71 -11.83
CA PHE B 315 -44.25 -19.46 -12.75
C PHE B 315 -44.96 -19.73 -14.09
N ARG B 316 -46.16 -20.30 -14.01
CA ARG B 316 -46.90 -20.61 -15.23
C ARG B 316 -47.18 -19.32 -16.01
N GLY B 317 -47.38 -18.23 -15.28
CA GLY B 317 -47.64 -16.95 -15.93
C GLY B 317 -46.51 -16.46 -16.84
N THR B 318 -45.28 -16.93 -16.66
CA THR B 318 -44.19 -16.49 -17.51
C THR B 318 -44.36 -16.93 -18.97
N LEU B 319 -45.28 -17.85 -19.23
CA LEU B 319 -45.51 -18.33 -20.60
C LEU B 319 -46.47 -17.46 -21.39
N ASP B 320 -47.30 -16.66 -20.71
CA ASP B 320 -48.22 -15.79 -21.43
C ASP B 320 -47.42 -14.81 -22.28
N PRO B 321 -46.41 -14.15 -21.69
CA PRO B 321 -45.62 -13.20 -22.49
C PRO B 321 -44.90 -13.92 -23.64
N VAL B 322 -44.56 -15.19 -23.42
CA VAL B 322 -43.88 -15.97 -24.46
C VAL B 322 -44.84 -16.12 -25.65
N GLU B 323 -46.08 -16.51 -25.34
CA GLU B 323 -47.10 -16.68 -26.37
C GLU B 323 -47.43 -15.35 -27.05
N LYS B 324 -47.45 -14.27 -26.30
CA LYS B 324 -47.73 -12.95 -26.88
C LYS B 324 -46.61 -12.53 -27.84
N ALA B 325 -45.36 -12.76 -27.43
CA ALA B 325 -44.24 -12.39 -28.28
C ALA B 325 -44.27 -13.18 -29.60
N LEU B 326 -44.58 -14.47 -29.52
CA LEU B 326 -44.65 -15.32 -30.70
C LEU B 326 -45.76 -14.83 -31.64
N ARG B 327 -46.93 -14.60 -31.07
CA ARG B 327 -48.06 -14.11 -31.82
C ARG B 327 -47.70 -12.79 -32.53
N ASP B 328 -47.09 -11.85 -31.79
CA ASP B 328 -46.72 -10.58 -32.38
C ASP B 328 -45.63 -10.67 -33.45
N ALA B 329 -44.77 -11.69 -33.35
CA ALA B 329 -43.72 -11.86 -34.35
C ALA B 329 -44.23 -12.70 -35.52
N LYS B 330 -45.51 -13.08 -35.46
CA LYS B 330 -46.12 -13.89 -36.50
C LYS B 330 -45.39 -15.21 -36.68
N LEU B 331 -44.97 -15.79 -35.57
CA LEU B 331 -44.25 -17.05 -35.59
C LEU B 331 -44.93 -18.11 -34.76
N ASP B 332 -44.73 -19.36 -35.16
CA ASP B 332 -45.27 -20.48 -34.42
C ASP B 332 -44.09 -20.88 -33.54
N LYS B 333 -44.35 -21.39 -32.35
CA LYS B 333 -43.27 -21.77 -31.44
C LYS B 333 -42.23 -22.69 -32.07
N SER B 334 -42.64 -23.49 -33.07
CA SER B 334 -41.74 -24.42 -33.75
C SER B 334 -40.75 -23.71 -34.65
N GLN B 335 -40.95 -22.41 -34.84
CA GLN B 335 -40.07 -21.63 -35.69
C GLN B 335 -38.92 -20.97 -34.92
N ILE B 336 -38.89 -21.15 -33.61
CA ILE B 336 -37.82 -20.57 -32.81
C ILE B 336 -36.64 -21.53 -32.87
N HIS B 337 -35.51 -21.04 -33.36
CA HIS B 337 -34.29 -21.84 -33.52
C HIS B 337 -33.40 -21.92 -32.27
N ASP B 338 -33.40 -20.87 -31.47
CA ASP B 338 -32.58 -20.80 -30.25
C ASP B 338 -33.34 -20.10 -29.12
N ILE B 339 -33.14 -20.58 -27.90
CA ILE B 339 -33.75 -19.96 -26.73
C ILE B 339 -32.61 -19.61 -25.79
N VAL B 340 -32.57 -18.35 -25.36
CA VAL B 340 -31.50 -17.90 -24.47
C VAL B 340 -32.06 -17.48 -23.11
N LEU B 341 -31.39 -17.93 -22.05
CA LEU B 341 -31.80 -17.58 -20.69
C LEU B 341 -30.87 -16.55 -20.08
N VAL B 342 -31.43 -15.43 -19.66
CA VAL B 342 -30.64 -14.38 -19.02
C VAL B 342 -31.43 -13.92 -17.78
N GLY B 343 -30.70 -13.54 -16.73
CA GLY B 343 -31.35 -13.11 -15.51
C GLY B 343 -31.28 -14.20 -14.46
N GLY B 344 -30.81 -13.83 -13.27
CA GLY B 344 -30.67 -14.76 -12.17
C GLY B 344 -31.85 -15.69 -11.88
N SER B 345 -33.07 -15.22 -12.10
CA SER B 345 -34.19 -16.07 -11.81
C SER B 345 -34.45 -17.20 -12.80
N THR B 346 -33.78 -17.18 -13.94
CA THR B 346 -33.97 -18.26 -14.90
C THR B 346 -33.31 -19.56 -14.38
N ARG B 347 -32.59 -19.46 -13.26
CA ARG B 347 -31.94 -20.62 -12.63
C ARG B 347 -32.95 -21.58 -12.00
N ILE B 348 -34.14 -21.08 -11.70
CA ILE B 348 -35.19 -21.89 -11.08
C ILE B 348 -35.58 -23.07 -11.98
N PRO B 349 -35.36 -24.31 -11.51
CA PRO B 349 -35.69 -25.50 -12.29
C PRO B 349 -37.11 -25.50 -12.90
N LYS B 350 -38.12 -25.25 -12.08
CA LYS B 350 -39.49 -25.27 -12.58
C LYS B 350 -39.71 -24.29 -13.73
N ILE B 351 -39.05 -23.13 -13.69
CA ILE B 351 -39.20 -22.18 -14.78
C ILE B 351 -38.61 -22.78 -16.06
N GLN B 352 -37.43 -23.36 -15.94
CA GLN B 352 -36.77 -23.96 -17.09
C GLN B 352 -37.59 -25.10 -17.68
N LYS B 353 -38.12 -25.96 -16.82
CA LYS B 353 -38.93 -27.08 -17.28
C LYS B 353 -40.19 -26.57 -18.00
N LEU B 354 -40.87 -25.58 -17.44
CA LEU B 354 -42.07 -25.05 -18.08
C LEU B 354 -41.73 -24.52 -19.47
N LEU B 355 -40.61 -23.81 -19.58
CA LEU B 355 -40.19 -23.25 -20.85
C LEU B 355 -39.78 -24.35 -21.84
N GLN B 356 -39.02 -25.33 -21.36
CA GLN B 356 -38.58 -26.43 -22.21
C GLN B 356 -39.78 -27.22 -22.73
N ASP B 357 -40.74 -27.55 -21.84
CA ASP B 357 -41.93 -28.29 -22.27
C ASP B 357 -42.70 -27.47 -23.29
N PHE B 358 -42.88 -26.17 -23.04
CA PHE B 358 -43.60 -25.32 -23.99
C PHE B 358 -43.01 -25.50 -25.38
N PHE B 359 -41.68 -25.57 -25.45
CA PHE B 359 -41.00 -25.78 -26.73
C PHE B 359 -40.68 -27.24 -27.04
N ASN B 360 -41.58 -28.15 -26.64
CA ASN B 360 -41.41 -29.56 -26.93
C ASN B 360 -40.05 -30.16 -26.60
N GLY B 361 -39.52 -29.85 -25.42
CA GLY B 361 -38.24 -30.42 -25.01
C GLY B 361 -36.98 -29.80 -25.58
N LYS B 362 -37.10 -28.71 -26.32
CA LYS B 362 -35.94 -28.07 -26.91
C LYS B 362 -34.90 -27.68 -25.85
N GLU B 363 -33.63 -27.85 -26.17
CA GLU B 363 -32.55 -27.50 -25.26
C GLU B 363 -32.41 -26.00 -25.18
N LEU B 364 -32.09 -25.49 -23.98
CA LEU B 364 -31.96 -24.05 -23.75
C LEU B 364 -30.50 -23.59 -23.67
N ASN B 365 -30.22 -22.38 -24.16
CA ASN B 365 -28.86 -21.84 -24.06
C ASN B 365 -28.76 -21.22 -22.67
N LYS B 366 -27.91 -21.79 -21.82
CA LYS B 366 -27.77 -21.29 -20.46
C LYS B 366 -26.40 -21.48 -19.82
N SER B 367 -25.45 -22.03 -20.57
CA SER B 367 -24.12 -22.25 -20.01
C SER B 367 -23.48 -20.98 -19.46
N ILE B 368 -23.81 -19.83 -20.03
CA ILE B 368 -23.24 -18.57 -19.56
C ILE B 368 -24.05 -18.06 -18.37
N ASN B 369 -23.34 -17.73 -17.29
CA ASN B 369 -23.96 -17.20 -16.08
C ASN B 369 -25.02 -16.18 -16.50
N PRO B 370 -26.30 -16.48 -16.24
CA PRO B 370 -27.42 -15.60 -16.61
C PRO B 370 -27.33 -14.16 -16.12
N ASP B 371 -26.61 -13.94 -15.03
CA ASP B 371 -26.44 -12.59 -14.49
C ASP B 371 -25.40 -11.81 -15.30
N GLU B 372 -24.54 -12.54 -16.01
CA GLU B 372 -23.45 -11.94 -16.77
C GLU B 372 -23.53 -11.99 -18.27
N ALA B 373 -24.49 -12.72 -18.82
CA ALA B 373 -24.61 -12.85 -20.27
C ALA B 373 -24.69 -11.51 -21.03
N VAL B 374 -25.45 -10.56 -20.52
CA VAL B 374 -25.57 -9.29 -21.22
C VAL B 374 -24.26 -8.53 -21.24
N ALA B 375 -23.57 -8.46 -20.09
CA ALA B 375 -22.29 -7.76 -20.04
C ALA B 375 -21.32 -8.46 -21.02
N TYR B 376 -21.37 -9.79 -21.00
CA TYR B 376 -20.54 -10.65 -21.84
C TYR B 376 -20.69 -10.31 -23.32
N GLY B 377 -21.94 -10.26 -23.80
CA GLY B 377 -22.18 -9.94 -25.20
C GLY B 377 -21.76 -8.52 -25.55
N ALA B 378 -21.93 -7.61 -24.60
CA ALA B 378 -21.55 -6.21 -24.81
C ALA B 378 -20.03 -6.09 -24.88
N ALA B 379 -19.32 -6.87 -24.07
CA ALA B 379 -17.86 -6.84 -24.10
C ALA B 379 -17.39 -7.28 -25.49
N VAL B 380 -17.96 -8.38 -25.98
CA VAL B 380 -17.62 -8.91 -27.28
C VAL B 380 -17.84 -7.87 -28.37
N GLN B 381 -18.98 -7.20 -28.35
CA GLN B 381 -19.29 -6.22 -29.37
C GLN B 381 -18.40 -4.97 -29.25
N ALA B 382 -17.98 -4.66 -28.03
CA ALA B 382 -17.13 -3.51 -27.82
C ALA B 382 -15.74 -3.74 -28.45
N ALA B 383 -15.21 -4.95 -28.29
CA ALA B 383 -13.92 -5.27 -28.88
C ALA B 383 -14.00 -5.13 -30.39
N ILE B 384 -15.09 -5.64 -30.97
CA ILE B 384 -15.28 -5.53 -32.41
C ILE B 384 -15.37 -4.07 -32.85
N LEU B 385 -16.11 -3.26 -32.11
CA LEU B 385 -16.29 -1.86 -32.47
C LEU B 385 -15.09 -0.96 -32.15
N SER B 386 -14.09 -1.51 -31.47
CA SER B 386 -12.90 -0.75 -31.16
C SER B 386 -11.83 -1.63 -30.52
N GLU C 7 14.75 17.41 26.37
CA GLU C 7 14.90 17.26 24.88
C GLU C 7 14.94 15.79 24.47
N SER C 8 15.88 15.04 25.05
CA SER C 8 16.02 13.62 24.74
C SER C 8 14.80 12.82 25.18
N LEU C 9 14.40 13.00 26.44
CA LEU C 9 13.25 12.28 26.98
C LEU C 9 12.03 12.56 26.08
N LYS C 10 11.82 13.83 25.77
CA LYS C 10 10.71 14.25 24.93
C LYS C 10 10.79 13.62 23.56
N HIS C 11 12.00 13.49 23.03
CA HIS C 11 12.22 12.91 21.71
C HIS C 11 11.98 11.40 21.72
N ALA C 12 12.47 10.73 22.74
CA ALA C 12 12.29 9.28 22.86
C ALA C 12 10.81 8.96 23.01
N THR C 13 10.12 9.78 23.79
CA THR C 13 8.70 9.61 24.03
C THR C 13 7.89 9.81 22.75
N ARG C 14 8.30 10.79 21.95
CA ARG C 14 7.61 11.10 20.71
C ARG C 14 7.73 9.99 19.67
N ILE C 15 8.86 9.30 19.67
CA ILE C 15 9.08 8.20 18.72
C ILE C 15 8.20 7.01 19.10
N ILE C 16 7.96 6.85 20.40
CA ILE C 16 7.15 5.75 20.89
C ILE C 16 5.66 6.05 20.69
N ASP C 17 5.28 7.31 20.93
CA ASP C 17 3.90 7.74 20.77
C ASP C 17 3.39 7.59 19.35
N GLU C 18 4.29 7.65 18.37
CA GLU C 18 3.89 7.51 16.97
C GLU C 18 3.59 6.07 16.61
N VAL C 19 4.30 5.14 17.25
CA VAL C 19 4.07 3.73 16.99
C VAL C 19 2.72 3.37 17.59
N VAL C 20 2.46 3.91 18.79
CA VAL C 20 1.22 3.67 19.51
C VAL C 20 0.02 4.27 18.75
N SER C 21 0.17 5.52 18.32
CA SER C 21 -0.89 6.19 17.59
C SER C 21 -1.29 5.39 16.34
N LYS C 22 -0.28 4.96 15.58
CA LYS C 22 -0.50 4.18 14.37
C LYS C 22 -1.28 2.90 14.69
N PHE C 23 -0.90 2.24 15.79
CA PHE C 23 -1.56 1.02 16.22
C PHE C 23 -3.01 1.28 16.63
N LEU C 24 -3.24 2.38 17.35
CA LEU C 24 -4.58 2.74 17.79
C LEU C 24 -5.47 3.01 16.57
N ASP C 25 -4.86 3.47 15.49
CA ASP C 25 -5.59 3.75 14.27
C ASP C 25 -5.99 2.42 13.63
N ASP C 26 -5.09 1.43 13.70
CA ASP C 26 -5.38 0.12 13.15
C ASP C 26 -6.43 -0.59 13.97
N LEU C 27 -6.44 -0.34 15.28
CA LEU C 27 -7.44 -0.94 16.15
C LEU C 27 -8.78 -0.40 15.67
N GLY C 28 -8.80 0.90 15.39
CA GLY C 28 -10.01 1.55 14.92
C GLY C 28 -10.53 0.97 13.62
N ASN C 29 -9.62 0.64 12.72
CA ASN C 29 -10.00 0.07 11.44
C ASN C 29 -10.61 -1.32 11.66
N ALA C 30 -9.97 -2.14 12.49
CA ALA C 30 -10.48 -3.48 12.78
C ALA C 30 -11.88 -3.38 13.36
N LYS C 31 -12.07 -2.46 14.30
CA LYS C 31 -13.36 -2.28 14.93
C LYS C 31 -14.48 -1.92 13.94
N SER C 32 -14.25 -0.94 13.08
CA SER C 32 -15.29 -0.56 12.12
C SER C 32 -15.62 -1.73 11.21
N HIS C 33 -14.61 -2.51 10.81
CA HIS C 33 -14.84 -3.67 9.96
C HIS C 33 -15.64 -4.71 10.71
N LEU C 34 -15.31 -4.95 11.98
CA LEU C 34 -16.03 -5.92 12.78
C LEU C 34 -17.48 -5.51 13.05
N MET C 35 -17.73 -4.21 13.20
CA MET C 35 -19.07 -3.69 13.46
C MET C 35 -20.04 -3.97 12.31
N SER C 36 -19.54 -3.89 11.07
CA SER C 36 -20.37 -4.13 9.91
C SER C 36 -20.75 -5.60 9.84
N LEU C 37 -19.91 -6.46 10.39
CA LEU C 37 -20.18 -7.90 10.38
C LEU C 37 -21.11 -8.23 11.54
N TYR C 38 -20.88 -7.60 12.69
CA TYR C 38 -21.70 -7.84 13.87
C TYR C 38 -23.15 -7.38 13.67
N SER C 39 -23.31 -6.22 13.02
CA SER C 39 -24.64 -5.67 12.77
C SER C 39 -25.45 -6.59 11.84
N ALA C 40 -24.75 -7.38 11.03
CA ALA C 40 -25.43 -8.32 10.13
C ALA C 40 -26.08 -9.42 10.96
N CYS C 41 -25.56 -9.63 12.17
CA CYS C 41 -26.06 -10.66 13.07
C CYS C 41 -27.09 -10.18 14.07
N SER C 42 -27.12 -8.87 14.31
CA SER C 42 -28.03 -8.29 15.29
C SER C 42 -29.49 -8.17 14.85
N SER C 43 -30.39 -8.21 15.84
CA SER C 43 -31.81 -8.09 15.60
C SER C 43 -32.20 -6.62 15.80
N GLU C 44 -31.19 -5.77 15.97
CA GLU C 44 -31.42 -4.34 16.15
C GLU C 44 -31.36 -3.67 14.78
N VAL C 45 -31.95 -2.49 14.65
CA VAL C 45 -31.87 -1.77 13.40
C VAL C 45 -30.42 -1.34 13.33
N PRO C 46 -29.74 -1.64 12.22
CA PRO C 46 -28.32 -1.28 12.06
C PRO C 46 -28.04 0.19 12.31
N PRO C 47 -27.09 0.50 13.21
CA PRO C 47 -26.75 1.89 13.52
C PRO C 47 -25.73 2.37 12.48
N GLY C 48 -24.97 1.43 11.94
CA GLY C 48 -23.99 1.75 10.92
C GLY C 48 -24.13 0.82 9.72
N PRO C 49 -23.14 0.80 8.82
CA PRO C 49 -23.18 -0.06 7.61
C PRO C 49 -23.29 -1.55 7.94
N VAL C 50 -23.99 -2.30 7.08
CA VAL C 50 -24.15 -3.74 7.25
C VAL C 50 -23.58 -4.46 6.02
N ASP C 51 -22.57 -5.29 6.21
CA ASP C 51 -22.00 -6.03 5.08
C ASP C 51 -23.12 -6.97 4.60
N GLN C 52 -23.79 -6.59 3.52
CA GLN C 52 -24.91 -7.37 2.99
C GLN C 52 -24.54 -8.80 2.61
N LYS C 53 -23.35 -8.97 2.05
CA LYS C 53 -22.88 -10.29 1.65
C LYS C 53 -22.73 -11.18 2.90
N PHE C 54 -22.08 -10.65 3.93
CA PHE C 54 -21.90 -11.41 5.16
C PHE C 54 -23.25 -11.78 5.76
N GLN C 55 -24.18 -10.83 5.77
CA GLN C 55 -25.50 -11.12 6.32
C GLN C 55 -26.15 -12.30 5.60
N SER C 56 -26.06 -12.32 4.27
CA SER C 56 -26.65 -13.42 3.50
C SER C 56 -26.02 -14.74 3.92
N ILE C 57 -24.69 -14.74 3.99
CA ILE C 57 -23.96 -15.93 4.36
C ILE C 57 -24.31 -16.44 5.77
N VAL C 58 -24.31 -15.58 6.77
CA VAL C 58 -24.63 -16.02 8.13
C VAL C 58 -26.07 -16.48 8.28
N ILE C 59 -26.99 -15.79 7.62
CA ILE C 59 -28.39 -16.17 7.73
C ILE C 59 -28.51 -17.61 7.19
N GLY C 60 -27.52 -18.00 6.38
CA GLY C 60 -27.51 -19.32 5.79
C GLY C 60 -26.97 -20.43 6.68
N CYS C 61 -26.25 -20.07 7.73
CA CYS C 61 -25.69 -21.07 8.63
C CYS C 61 -26.76 -21.68 9.53
N ALA C 62 -26.42 -22.80 10.15
CA ALA C 62 -27.35 -23.47 11.05
C ALA C 62 -27.54 -22.54 12.25
N LEU C 63 -28.66 -22.70 12.92
CA LEU C 63 -29.00 -21.88 14.07
C LEU C 63 -27.87 -21.63 15.08
N GLU C 64 -27.33 -22.69 15.68
CA GLU C 64 -26.28 -22.51 16.67
C GLU C 64 -25.00 -21.90 16.10
N ASP C 65 -24.75 -22.13 14.82
CA ASP C 65 -23.57 -21.54 14.21
C ASP C 65 -23.78 -20.03 14.05
N GLN C 66 -25.04 -19.62 13.91
CA GLN C 66 -25.35 -18.20 13.82
C GLN C 66 -25.03 -17.58 15.18
N LYS C 67 -25.42 -18.28 16.24
CA LYS C 67 -25.17 -17.78 17.60
C LYS C 67 -23.66 -17.74 17.90
N LYS C 68 -22.92 -18.76 17.49
CA LYS C 68 -21.47 -18.81 17.70
C LYS C 68 -20.81 -17.62 17.00
N ILE C 69 -21.12 -17.45 15.72
CA ILE C 69 -20.56 -16.35 14.94
C ILE C 69 -20.83 -15.00 15.63
N LYS C 70 -22.05 -14.79 16.07
CA LYS C 70 -22.37 -13.54 16.75
C LYS C 70 -21.52 -13.37 18.01
N ARG C 71 -21.43 -14.44 18.81
CA ARG C 71 -20.65 -14.41 20.05
C ARG C 71 -19.18 -14.15 19.77
N ARG C 72 -18.62 -14.83 18.78
CA ARG C 72 -17.22 -14.62 18.43
C ARG C 72 -16.99 -13.14 18.12
N LEU C 73 -17.89 -12.57 17.30
CA LEU C 73 -17.81 -11.17 16.91
C LEU C 73 -17.91 -10.24 18.13
N GLU C 74 -18.79 -10.57 19.07
CA GLU C 74 -18.96 -9.75 20.28
C GLU C 74 -17.68 -9.78 21.10
N THR C 75 -17.08 -10.96 21.23
CA THR C 75 -15.85 -11.13 22.00
C THR C 75 -14.70 -10.36 21.35
N LEU C 76 -14.60 -10.43 20.03
CA LEU C 76 -13.54 -9.71 19.34
C LEU C 76 -13.67 -8.19 19.59
N LEU C 77 -14.90 -7.67 19.47
CA LEU C 77 -15.13 -6.25 19.69
C LEU C 77 -14.80 -5.85 21.12
N ARG C 78 -15.01 -6.77 22.05
CA ARG C 78 -14.71 -6.48 23.45
C ARG C 78 -13.20 -6.46 23.65
N ASN C 79 -12.50 -7.41 23.04
CA ASN C 79 -11.05 -7.48 23.17
C ASN C 79 -10.38 -6.29 22.49
N ILE C 80 -10.97 -5.81 21.40
CA ILE C 80 -10.43 -4.66 20.71
C ILE C 80 -10.56 -3.43 21.60
N ASP C 81 -11.69 -3.32 22.28
CA ASP C 81 -11.91 -2.18 23.18
C ASP C 81 -10.99 -2.27 24.39
N ASN C 82 -10.83 -3.48 24.95
CA ASN C 82 -9.96 -3.67 26.11
C ASN C 82 -8.52 -3.31 25.76
N SER C 83 -8.12 -3.60 24.52
CA SER C 83 -6.77 -3.31 24.05
C SER C 83 -6.61 -1.82 23.80
N ASP C 84 -7.70 -1.18 23.43
CA ASP C 84 -7.70 0.26 23.15
C ASP C 84 -7.48 1.05 24.43
N LYS C 85 -8.29 0.74 25.45
CA LYS C 85 -8.23 1.42 26.72
C LYS C 85 -6.94 1.11 27.49
N ALA C 86 -6.33 -0.04 27.21
CA ALA C 86 -5.11 -0.44 27.89
C ALA C 86 -3.84 0.15 27.27
N ILE C 87 -4.01 1.01 26.27
CA ILE C 87 -2.86 1.62 25.59
C ILE C 87 -2.96 3.14 25.46
N SER D 5 -24.71 -25.17 4.13
CA SER D 5 -24.81 -24.84 5.58
C SER D 5 -23.43 -24.97 6.25
N GLU D 6 -22.76 -26.08 6.01
CA GLU D 6 -21.43 -26.28 6.57
C GLU D 6 -20.47 -25.38 5.78
N GLU D 7 -20.81 -25.15 4.51
CA GLU D 7 -20.00 -24.28 3.65
C GLU D 7 -20.20 -22.82 4.07
N SER D 8 -21.42 -22.49 4.49
CA SER D 8 -21.73 -21.13 4.92
C SER D 8 -20.93 -20.78 6.17
N LEU D 9 -20.82 -21.74 7.08
CA LEU D 9 -20.08 -21.52 8.32
C LEU D 9 -18.61 -21.27 7.98
N LYS D 10 -18.11 -22.00 6.99
CA LYS D 10 -16.73 -21.87 6.55
C LYS D 10 -16.48 -20.51 5.90
N HIS D 11 -17.40 -20.09 5.03
CA HIS D 11 -17.26 -18.82 4.36
C HIS D 11 -17.38 -17.66 5.35
N ALA D 12 -18.27 -17.82 6.33
CA ALA D 12 -18.48 -16.80 7.34
C ALA D 12 -17.20 -16.65 8.17
N THR D 13 -16.65 -17.78 8.59
CA THR D 13 -15.43 -17.80 9.38
C THR D 13 -14.27 -17.15 8.61
N ARG D 14 -14.21 -17.40 7.31
CA ARG D 14 -13.13 -16.83 6.49
C ARG D 14 -13.20 -15.31 6.49
N ILE D 15 -14.40 -14.78 6.30
CA ILE D 15 -14.57 -13.32 6.27
C ILE D 15 -14.12 -12.67 7.57
N ILE D 16 -14.42 -13.28 8.71
CA ILE D 16 -14.02 -12.74 10.00
C ILE D 16 -12.52 -12.93 10.16
N ASP D 17 -12.03 -14.08 9.73
CA ASP D 17 -10.61 -14.42 9.80
C ASP D 17 -9.76 -13.38 9.08
N GLU D 18 -10.20 -12.98 7.88
CA GLU D 18 -9.46 -11.99 7.10
C GLU D 18 -9.39 -10.64 7.80
N VAL D 19 -10.45 -10.29 8.54
CA VAL D 19 -10.47 -9.03 9.25
C VAL D 19 -9.50 -9.14 10.43
N VAL D 20 -9.52 -10.27 11.10
CA VAL D 20 -8.66 -10.51 12.24
C VAL D 20 -7.18 -10.58 11.86
N SER D 21 -6.84 -11.46 10.93
CA SER D 21 -5.43 -11.61 10.51
C SER D 21 -4.87 -10.28 10.02
N LYS D 22 -5.73 -9.46 9.42
CA LYS D 22 -5.30 -8.15 8.94
C LYS D 22 -4.87 -7.35 10.15
N PHE D 23 -5.72 -7.34 11.17
CA PHE D 23 -5.43 -6.61 12.40
C PHE D 23 -4.21 -7.21 13.09
N LEU D 24 -4.13 -8.54 13.12
CA LEU D 24 -2.99 -9.20 13.75
C LEU D 24 -1.68 -8.83 13.07
N ASP D 25 -1.73 -8.56 11.76
CA ASP D 25 -0.53 -8.17 11.02
C ASP D 25 -0.16 -6.74 11.39
N ASP D 26 -1.16 -5.90 11.63
CA ASP D 26 -0.94 -4.51 12.02
C ASP D 26 -0.39 -4.50 13.43
N LEU D 27 -0.77 -5.51 14.20
CA LEU D 27 -0.32 -5.63 15.58
C LEU D 27 1.08 -6.21 15.60
N GLY D 28 1.45 -6.90 14.52
CA GLY D 28 2.78 -7.50 14.43
C GLY D 28 3.83 -6.47 14.04
N ASN D 29 3.44 -5.51 13.21
CA ASN D 29 4.34 -4.46 12.77
C ASN D 29 4.64 -3.53 13.94
N ALA D 30 3.61 -3.27 14.75
CA ALA D 30 3.78 -2.41 15.92
C ALA D 30 4.74 -3.10 16.90
N LYS D 31 4.63 -4.42 17.00
CA LYS D 31 5.47 -5.20 17.90
C LYS D 31 6.92 -5.18 17.45
N SER D 32 7.15 -5.28 16.14
CA SER D 32 8.51 -5.25 15.64
C SER D 32 9.12 -3.87 15.85
N HIS D 33 8.34 -2.83 15.61
CA HIS D 33 8.83 -1.46 15.81
C HIS D 33 9.21 -1.26 17.26
N LEU D 34 8.32 -1.62 18.17
CA LEU D 34 8.58 -1.48 19.60
C LEU D 34 9.74 -2.37 20.01
N MET D 35 9.88 -3.51 19.34
CA MET D 35 10.95 -4.43 19.67
C MET D 35 12.32 -3.89 19.27
N SER D 36 12.39 -3.08 18.22
CA SER D 36 13.66 -2.52 17.79
C SER D 36 14.06 -1.40 18.74
N LEU D 37 13.07 -0.80 19.39
CA LEU D 37 13.31 0.29 20.34
C LEU D 37 13.72 -0.32 21.68
N TYR D 38 12.96 -1.31 22.14
CA TYR D 38 13.27 -1.98 23.40
C TYR D 38 14.68 -2.51 23.39
N SER D 39 15.04 -3.20 22.31
CA SER D 39 16.38 -3.77 22.19
C SER D 39 17.45 -2.70 22.25
N ALA D 40 17.08 -1.46 21.94
CA ALA D 40 18.02 -0.35 21.97
C ALA D 40 18.28 0.05 23.43
N CYS D 41 17.41 -0.39 24.33
CA CYS D 41 17.51 -0.10 25.76
C CYS D 41 18.06 -1.27 26.54
N SER D 42 17.96 -2.46 25.98
CA SER D 42 18.38 -3.69 26.65
C SER D 42 19.86 -4.03 26.63
N SER D 43 20.28 -4.74 27.66
CA SER D 43 21.68 -5.18 27.80
C SER D 43 21.79 -6.61 27.30
N GLU D 44 20.69 -7.15 26.79
CA GLU D 44 20.67 -8.51 26.27
C GLU D 44 21.10 -8.51 24.80
N VAL D 45 21.39 -9.70 24.27
CA VAL D 45 21.77 -9.84 22.86
C VAL D 45 20.47 -9.60 22.11
N PRO D 46 20.49 -8.72 21.09
CA PRO D 46 19.25 -8.45 20.34
C PRO D 46 18.81 -9.60 19.44
N PRO D 47 17.54 -10.01 19.55
CA PRO D 47 16.99 -11.09 18.74
C PRO D 47 16.77 -10.64 17.29
N GLY D 48 16.63 -9.34 17.11
CA GLY D 48 16.43 -8.77 15.78
C GLY D 48 17.10 -7.43 15.59
N PRO D 49 16.50 -6.51 14.81
CA PRO D 49 17.08 -5.19 14.58
C PRO D 49 17.21 -4.37 15.86
N VAL D 50 17.99 -3.30 15.79
CA VAL D 50 18.20 -2.39 16.91
C VAL D 50 18.27 -0.98 16.36
N ASP D 51 17.26 -0.16 16.65
CA ASP D 51 17.24 1.20 16.15
C ASP D 51 18.41 1.97 16.73
N GLN D 52 19.41 2.24 15.90
CA GLN D 52 20.61 2.95 16.34
C GLN D 52 20.34 4.38 16.80
N LYS D 53 19.58 5.13 16.03
CA LYS D 53 19.27 6.51 16.41
C LYS D 53 18.58 6.54 17.77
N PHE D 54 17.64 5.63 17.99
CA PHE D 54 16.91 5.57 19.24
C PHE D 54 17.85 5.19 20.38
N GLN D 55 18.82 4.32 20.09
CA GLN D 55 19.78 3.91 21.10
C GLN D 55 20.60 5.11 21.57
N SER D 56 20.93 6.01 20.64
CA SER D 56 21.70 7.21 20.97
C SER D 56 20.87 8.15 21.84
N ILE D 57 19.63 8.38 21.41
CA ILE D 57 18.73 9.26 22.14
C ILE D 57 18.50 8.77 23.57
N VAL D 58 18.34 7.46 23.72
CA VAL D 58 18.12 6.88 25.03
C VAL D 58 19.33 7.07 25.93
N ILE D 59 20.50 6.70 25.42
CA ILE D 59 21.73 6.82 26.19
C ILE D 59 21.99 8.27 26.57
N GLY D 60 21.39 9.19 25.82
CA GLY D 60 21.56 10.61 26.11
C GLY D 60 20.64 11.11 27.21
N CYS D 61 19.75 10.24 27.70
CA CYS D 61 18.81 10.60 28.77
C CYS D 61 19.40 10.32 30.14
N ALA D 62 18.82 10.94 31.16
CA ALA D 62 19.26 10.73 32.53
C ALA D 62 19.06 9.25 32.85
N LEU D 63 19.87 8.71 33.75
CA LEU D 63 19.78 7.30 34.12
C LEU D 63 18.35 6.84 34.37
N GLU D 64 17.63 7.56 35.24
CA GLU D 64 16.26 7.17 35.57
C GLU D 64 15.29 7.27 34.41
N ASP D 65 15.60 8.10 33.42
CA ASP D 65 14.76 8.24 32.24
C ASP D 65 14.98 7.01 31.36
N GLN D 66 16.24 6.57 31.29
CA GLN D 66 16.58 5.39 30.51
C GLN D 66 15.78 4.22 31.09
N LYS D 67 15.70 4.17 32.42
CA LYS D 67 14.96 3.12 33.10
C LYS D 67 13.47 3.30 32.82
N LYS D 68 12.99 4.55 32.86
CA LYS D 68 11.59 4.84 32.58
C LYS D 68 11.21 4.29 31.21
N ILE D 69 11.89 4.84 30.19
CA ILE D 69 11.66 4.46 28.81
C ILE D 69 11.63 2.96 28.60
N LYS D 70 12.65 2.26 29.09
CA LYS D 70 12.70 0.80 28.94
C LYS D 70 11.48 0.17 29.61
N ARG D 71 11.06 0.73 30.74
CA ARG D 71 9.92 0.21 31.47
C ARG D 71 8.63 0.45 30.68
N ARG D 72 8.56 1.56 29.98
CA ARG D 72 7.37 1.87 29.19
C ARG D 72 7.28 0.90 28.01
N LEU D 73 8.43 0.55 27.43
CA LEU D 73 8.45 -0.37 26.31
C LEU D 73 8.06 -1.79 26.72
N GLU D 74 8.49 -2.22 27.90
CA GLU D 74 8.18 -3.56 28.38
C GLU D 74 6.68 -3.68 28.66
N THR D 75 6.08 -2.57 29.06
CA THR D 75 4.66 -2.53 29.36
C THR D 75 3.84 -2.59 28.06
N LEU D 76 4.21 -1.78 27.08
CA LEU D 76 3.52 -1.77 25.80
C LEU D 76 3.61 -3.15 25.14
N LEU D 77 4.80 -3.74 25.18
CA LEU D 77 5.00 -5.06 24.57
C LEU D 77 4.14 -6.11 25.27
N ARG D 78 3.92 -5.93 26.56
CA ARG D 78 3.12 -6.84 27.36
C ARG D 78 1.64 -6.65 27.02
N ASN D 79 1.19 -5.40 27.00
CA ASN D 79 -0.21 -5.09 26.66
C ASN D 79 -0.48 -5.52 25.22
N ILE D 80 0.52 -5.39 24.35
CA ILE D 80 0.38 -5.78 22.95
C ILE D 80 0.32 -7.29 22.84
N ASP D 81 1.00 -7.97 23.75
CA ASP D 81 1.02 -9.44 23.75
C ASP D 81 -0.29 -9.99 24.32
N ASN D 82 -0.84 -9.29 25.31
CA ASN D 82 -2.11 -9.71 25.90
C ASN D 82 -3.18 -9.59 24.82
N SER D 83 -3.06 -8.54 24.02
CA SER D 83 -4.00 -8.28 22.95
C SER D 83 -3.94 -9.42 21.93
N ASP D 84 -2.73 -9.81 21.55
CA ASP D 84 -2.56 -10.87 20.58
C ASP D 84 -3.10 -12.20 21.08
N LYS D 85 -2.97 -12.45 22.37
CA LYS D 85 -3.46 -13.69 22.96
C LYS D 85 -4.98 -13.78 22.94
N ALA D 86 -5.63 -12.76 23.49
CA ALA D 86 -7.08 -12.72 23.55
C ALA D 86 -7.76 -12.75 22.18
N ILE D 87 -7.21 -11.98 21.24
CA ILE D 87 -7.75 -11.89 19.89
C ILE D 87 -7.22 -13.00 18.98
N LYS D 88 -6.59 -13.99 19.59
CA LYS D 88 -6.01 -15.13 18.87
C LYS D 88 -4.86 -14.71 17.95
S SCN E . 24.01 -4.59 19.75
C SCN E . 24.81 -5.93 20.24
N SCN E . 25.35 -6.88 20.58
S SCN F . 41.71 22.54 22.54
C SCN F . 40.67 23.42 23.45
N SCN F . 39.93 24.03 24.08
S SCN G . 48.61 16.70 21.32
C SCN G . 47.51 17.28 20.26
N SCN G . 46.74 17.69 19.53
S SCN H . 13.77 -0.15 33.61
C SCN H . 15.31 -0.72 33.47
N SCN H . 16.36 -1.13 33.36
NA NA I . 35.93 -3.63 -8.55
NA NA J . 39.42 1.07 -3.97
NA NA K . 14.13 12.08 0.38
S SCN L . -16.23 -1.21 -5.73
C SCN L . -17.87 -1.33 -5.76
N SCN L . -19.00 -1.43 -5.80
NA NA M . 17.46 1.56 29.29
#